data_6HZZ
#
_entry.id   6HZZ
#
_cell.length_a   99.820
_cell.length_b   99.820
_cell.length_c   262.970
_cell.angle_alpha   90.00
_cell.angle_beta   90.00
_cell.angle_gamma   120.00
#
_symmetry.space_group_name_H-M   'P 61'
#
loop_
_entity.id
_entity.type
_entity.pdbx_description
1 polymer 'D-glucuronyl C5-epimerase'
2 branched alpha-D-mannopyranose-(1-6)-beta-D-mannopyranose-(1-4)-2-acetamido-2-deoxy-beta-D-glucopyranose-(1-4)-2-acetamido-2-deoxy-beta-D-glucopyranose
3 branched alpha-D-mannopyranose-(1-3)-[alpha-D-mannopyranose-(1-6)]beta-D-mannopyranose-(1-4)-2-acetamido-2-deoxy-beta-D-glucopyranose-(1-4)-2-acetamido-2-deoxy-beta-D-glucopyranose
4 branched 2-acetamido-2-deoxy-beta-D-glucopyranose-(1-4)-2-acetamido-2-deoxy-beta-D-glucopyranose
5 branched 2-acetamido-2-deoxy-beta-D-glucopyranose-(1-4)-[alpha-L-fucopyranose-(1-6)]2-acetamido-2-deoxy-beta-D-glucopyranose
6 non-polymer 2-acetamido-2-deoxy-beta-D-glucopyranose
7 non-polymer 'ACETATE ION'
8 non-polymer 'SULFATE ION'
9 non-polymer 'CALCIUM ION'
10 non-polymer 'CHLORIDE ION'
11 water water
#
_entity_poly.entity_id   1
_entity_poly.type   'polypeptide(L)'
_entity_poly.pdbx_seq_one_letter_code
;DYKDDDDKVLGLKYEEIDCLINDEHTIKGRREGNEVFLPFTWVEKYFDVYGKVVQYDGYDRFEFSHSYSKVYAQRAPYHP
DGVFMSFEGYNVEVRDRVKCISGVEGVPLSTQWGPQGYFYPIQIAQYGLSHYSKNLTEKPPHIEVYETAEDRDKNKPNDW
TVPKGCFMANVADKSRFTNVKQFIAPETSEGVSLQLGNTKDFIISFDLKFLTNGSVSVVLETTEKNQLFTIHYVSNAQLI
AFKERDIYYGIGPRTSWSTVTRDLVTDLRKGVGLSNTKAVKPTKIMPKKVVRLIAKGKGFLDNITISTTAHMAAFFAASD
WLVRNQDEKGGWPIMVTRKLGEGFKSLEPGWYSAMAQGQAISTLVRAYLLTKDHIFLNSALRATAPYKFLSEQHGVKAVF
MNKHDWYEEYPTTPSSFVLNGFMYSLIGLYDLKETAGEKLGKEARSLYERGMESLKAMLPLYDTGSGTIYDLRHFMLGIA
PNLARWDYHTTHINQLQLLSTIDESPVFKEFVKRWKSYLKGSRAKHN
;
_entity_poly.pdbx_strand_id   A,B
#
loop_
_chem_comp.id
_chem_comp.type
_chem_comp.name
_chem_comp.formula
ACT non-polymer 'ACETATE ION' 'C2 H3 O2 -1'
BMA D-saccharide, beta linking beta-D-mannopyranose 'C6 H12 O6'
CA non-polymer 'CALCIUM ION' 'Ca 2'
CL non-polymer 'CHLORIDE ION' 'Cl -1'
FUC L-saccharide, alpha linking alpha-L-fucopyranose 'C6 H12 O5'
MAN D-saccharide, alpha linking alpha-D-mannopyranose 'C6 H12 O6'
NAG D-saccharide, beta linking 2-acetamido-2-deoxy-beta-D-glucopyranose 'C8 H15 N O6'
SO4 non-polymer 'SULFATE ION' 'O4 S -2'
#
# COMPACT_ATOMS: atom_id res chain seq x y z
N LEU A 12 -19.15 -7.28 -38.95
CA LEU A 12 -18.90 -7.60 -37.49
C LEU A 12 -19.99 -6.95 -36.62
N LYS A 13 -20.89 -7.79 -36.08
CA LYS A 13 -22.15 -7.33 -35.42
C LYS A 13 -21.95 -7.12 -33.90
N TYR A 14 -22.30 -5.90 -33.50
CA TYR A 14 -22.06 -5.32 -32.25
C TYR A 14 -23.23 -4.42 -31.92
N GLU A 15 -23.38 -4.12 -30.63
CA GLU A 15 -24.43 -3.32 -30.09
C GLU A 15 -23.77 -2.30 -29.16
N GLU A 16 -24.22 -1.05 -29.21
CA GLU A 16 -23.83 -0.07 -28.23
C GLU A 16 -24.47 -0.49 -26.89
N ILE A 17 -23.73 -0.27 -25.79
CA ILE A 17 -24.26 -0.56 -24.44
C ILE A 17 -23.76 0.52 -23.49
N ASP A 18 -24.66 1.03 -22.65
CA ASP A 18 -24.30 1.94 -21.58
C ASP A 18 -23.53 1.16 -20.51
N CYS A 19 -22.48 1.80 -19.99
CA CYS A 19 -21.64 1.22 -19.01
C CYS A 19 -21.59 2.16 -17.82
N LEU A 20 -22.32 1.80 -16.76
CA LEU A 20 -22.34 2.53 -15.53
C LEU A 20 -21.06 2.21 -14.74
N ILE A 21 -20.38 3.26 -14.29
CA ILE A 21 -19.09 3.16 -13.60
C ILE A 21 -19.28 3.54 -12.13
N ASN A 22 -19.17 2.56 -11.23
CA ASN A 22 -19.33 2.72 -9.74
C ASN A 22 -20.59 3.51 -9.38
N ASP A 23 -21.71 3.26 -10.08
CA ASP A 23 -22.96 3.97 -9.85
C ASP A 23 -22.84 5.51 -9.94
N GLU A 24 -21.88 6.08 -10.66
CA GLU A 24 -21.90 7.55 -10.72
C GLU A 24 -21.79 8.12 -12.14
N HIS A 25 -21.02 7.52 -13.05
CA HIS A 25 -20.94 8.07 -14.41
C HIS A 25 -21.31 6.97 -15.39
N THR A 26 -21.86 7.35 -16.55
CA THR A 26 -22.11 6.42 -17.65
C THR A 26 -21.15 6.72 -18.83
N ILE A 27 -20.52 5.68 -19.37
CA ILE A 27 -19.71 5.78 -20.59
C ILE A 27 -20.31 4.82 -21.61
N LYS A 28 -19.86 4.92 -22.86
CA LYS A 28 -20.37 4.15 -23.99
C LYS A 28 -19.44 2.99 -24.33
N GLY A 29 -19.93 1.76 -24.22
CA GLY A 29 -19.17 0.62 -24.65
C GLY A 29 -19.87 -0.10 -25.79
N ARG A 30 -19.31 -1.26 -26.15
CA ARG A 30 -19.88 -2.06 -27.21
C ARG A 30 -20.04 -3.48 -26.68
N ARG A 31 -20.92 -4.25 -27.30
CA ARG A 31 -21.27 -5.58 -26.82
C ARG A 31 -21.50 -6.52 -28.00
N GLU A 32 -21.03 -7.77 -27.84
CA GLU A 32 -21.16 -8.85 -28.80
C GLU A 32 -21.48 -10.09 -27.98
N GLY A 33 -22.77 -10.45 -27.94
CA GLY A 33 -23.37 -11.35 -26.98
C GLY A 33 -23.08 -10.92 -25.54
N ASN A 34 -22.27 -11.73 -24.87
CA ASN A 34 -21.96 -11.57 -23.48
C ASN A 34 -20.67 -10.75 -23.31
N GLU A 35 -19.80 -10.67 -24.33
CA GLU A 35 -18.55 -9.92 -24.20
C GLU A 35 -18.87 -8.42 -24.35
N VAL A 36 -18.51 -7.63 -23.32
CA VAL A 36 -18.59 -6.17 -23.30
C VAL A 36 -17.18 -5.59 -23.45
N PHE A 37 -17.07 -4.53 -24.24
CA PHE A 37 -15.83 -3.95 -24.58
C PHE A 37 -15.87 -2.49 -24.16
N LEU A 38 -14.83 -2.07 -23.41
CA LEU A 38 -14.82 -0.79 -22.81
C LEU A 38 -13.86 0.10 -23.57
N PRO A 39 -14.20 1.38 -23.76
CA PRO A 39 -13.31 2.28 -24.46
C PRO A 39 -12.01 2.50 -23.67
N PHE A 40 -10.90 2.46 -24.39
CA PHE A 40 -9.63 2.72 -23.81
C PHE A 40 -9.54 4.16 -23.29
N THR A 41 -10.25 5.09 -23.90
CA THR A 41 -10.31 6.46 -23.33
C THR A 41 -10.66 6.40 -21.83
N TRP A 42 -11.59 5.52 -21.45
CA TRP A 42 -11.93 5.40 -20.09
C TRP A 42 -10.84 4.61 -19.33
N VAL A 43 -10.43 3.47 -19.89
CA VAL A 43 -9.54 2.61 -19.21
C VAL A 43 -8.26 3.36 -18.83
N GLU A 44 -7.74 4.14 -19.76
CA GLU A 44 -6.49 4.83 -19.66
C GLU A 44 -6.52 5.84 -18.52
N LYS A 45 -7.59 6.63 -18.46
CA LYS A 45 -7.73 7.63 -17.42
C LYS A 45 -8.04 7.00 -16.04
N TYR A 46 -8.94 6.03 -15.99
CA TYR A 46 -9.45 5.50 -14.75
C TYR A 46 -8.39 4.70 -14.01
N PHE A 47 -7.58 3.97 -14.75
CA PHE A 47 -6.57 3.09 -14.14
C PHE A 47 -5.18 3.70 -14.24
N ASP A 48 -5.06 4.85 -14.91
CA ASP A 48 -3.77 5.56 -15.12
C ASP A 48 -2.78 4.65 -15.83
N VAL A 49 -3.17 4.15 -17.00
CA VAL A 49 -2.31 3.22 -17.79
C VAL A 49 -2.01 3.85 -19.16
N TYR A 50 -1.41 3.09 -20.06
CA TYR A 50 -0.86 3.66 -21.30
C TYR A 50 -1.05 2.69 -22.46
N GLY A 51 -1.32 3.23 -23.65
CA GLY A 51 -1.29 2.47 -24.84
C GLY A 51 -1.47 3.36 -26.04
N LYS A 52 -1.34 2.77 -27.23
CA LYS A 52 -1.56 3.46 -28.47
C LYS A 52 -1.55 2.43 -29.61
N VAL A 53 -2.10 2.83 -30.75
CA VAL A 53 -2.06 2.05 -31.97
C VAL A 53 -0.71 2.28 -32.66
N VAL A 54 -0.05 1.18 -33.02
CA VAL A 54 1.19 1.25 -33.69
C VAL A 54 0.99 0.61 -35.07
N GLN A 55 1.45 1.33 -36.09
CA GLN A 55 1.24 0.93 -37.46
C GLN A 55 2.56 0.38 -37.98
N TYR A 56 2.53 -0.91 -38.35
CA TYR A 56 3.57 -1.60 -39.00
C TYR A 56 3.10 -1.88 -40.43
N ASP A 57 4.05 -2.25 -41.28
CA ASP A 57 3.81 -2.70 -42.63
C ASP A 57 2.79 -3.86 -42.63
N GLY A 58 1.56 -3.59 -43.08
CA GLY A 58 0.52 -4.62 -43.19
C GLY A 58 0.10 -5.21 -41.85
N TYR A 59 0.23 -4.48 -40.74
CA TYR A 59 -0.27 -4.93 -39.44
C TYR A 59 -0.43 -3.77 -38.47
N ASP A 60 -1.67 -3.40 -38.17
CA ASP A 60 -1.94 -2.46 -37.04
C ASP A 60 -2.11 -3.26 -35.75
N ARG A 61 -1.64 -2.71 -34.64
CA ARG A 61 -1.67 -3.38 -33.33
C ARG A 61 -1.75 -2.33 -32.24
N PHE A 62 -2.72 -2.46 -31.37
CA PHE A 62 -2.76 -1.65 -30.18
C PHE A 62 -1.77 -2.25 -29.16
N GLU A 63 -0.99 -1.40 -28.48
CA GLU A 63 0.06 -1.84 -27.57
C GLU A 63 -0.10 -1.12 -26.24
N PHE A 64 -0.42 -1.93 -25.24
CA PHE A 64 -0.77 -1.48 -23.93
C PHE A 64 0.43 -1.64 -22.99
N SER A 65 0.64 -0.61 -22.16
CA SER A 65 1.65 -0.66 -21.12
C SER A 65 1.08 -0.21 -19.78
N HIS A 66 1.44 -0.92 -18.73
CA HIS A 66 1.15 -0.48 -17.37
C HIS A 66 1.92 0.80 -17.04
N SER A 67 3.16 0.94 -17.55
CA SER A 67 3.99 2.18 -17.53
C SER A 67 4.93 2.22 -18.72
N TYR A 68 5.49 3.40 -19.08
CA TYR A 68 6.56 3.46 -20.13
C TYR A 68 7.97 3.40 -19.53
N SER A 69 8.08 3.55 -18.21
CA SER A 69 9.34 3.49 -17.57
C SER A 69 9.90 2.05 -17.72
N LYS A 70 11.23 1.90 -17.83
CA LYS A 70 11.86 0.59 -18.12
C LYS A 70 13.05 0.37 -17.20
N VAL A 71 13.26 -0.87 -16.76
CA VAL A 71 14.36 -1.24 -15.89
C VAL A 71 15.65 -1.33 -16.72
N TYR A 72 16.75 -0.82 -16.17
CA TYR A 72 18.06 -0.91 -16.74
C TYR A 72 18.52 -2.37 -16.84
N ALA A 73 19.01 -2.72 -18.01
CA ALA A 73 19.52 -4.03 -18.34
C ALA A 73 20.98 -4.07 -17.89
N GLN A 74 21.16 -4.54 -16.69
CA GLN A 74 22.44 -4.69 -16.11
C GLN A 74 23.21 -5.74 -16.92
N ARG A 75 24.47 -5.47 -17.24
CA ARG A 75 25.32 -6.32 -18.08
C ARG A 75 26.42 -7.02 -17.24
N ALA A 76 26.67 -6.55 -16.02
CA ALA A 76 27.75 -7.05 -15.21
C ALA A 76 27.43 -6.73 -13.75
N PRO A 77 28.07 -7.38 -12.76
CA PRO A 77 27.92 -6.96 -11.38
C PRO A 77 28.54 -5.56 -11.27
N TYR A 78 27.99 -4.75 -10.37
CA TYR A 78 28.43 -3.40 -10.15
C TYR A 78 29.84 -3.43 -9.56
N HIS A 79 30.63 -2.42 -9.92
CA HIS A 79 31.98 -2.21 -9.39
C HIS A 79 32.25 -0.72 -9.39
N PRO A 80 33.00 -0.19 -8.40
CA PRO A 80 33.17 1.25 -8.26
C PRO A 80 33.78 2.02 -9.45
N ASP A 81 34.58 1.37 -10.29
CA ASP A 81 35.20 2.09 -11.45
C ASP A 81 34.37 1.94 -12.74
N GLY A 82 33.26 1.23 -12.64
CA GLY A 82 32.44 1.00 -13.80
C GLY A 82 31.34 2.02 -13.93
N VAL A 83 30.40 1.72 -14.83
CA VAL A 83 29.30 2.58 -15.03
C VAL A 83 28.55 2.69 -13.70
N PHE A 84 27.90 3.85 -13.53
CA PHE A 84 27.18 4.14 -12.35
C PHE A 84 25.73 3.76 -12.56
N MET A 85 25.37 2.57 -12.06
CA MET A 85 24.02 2.05 -12.16
C MET A 85 23.54 2.23 -13.61
N SER A 86 22.44 2.97 -13.83
CA SER A 86 21.75 3.14 -15.12
C SER A 86 22.14 4.46 -15.81
N PHE A 87 23.16 5.17 -15.30
CA PHE A 87 23.35 6.59 -15.67
C PHE A 87 23.96 6.74 -17.07
N GLU A 88 24.40 5.66 -17.72
CA GLU A 88 24.76 5.71 -19.14
C GLU A 88 23.60 6.27 -19.98
N GLY A 89 22.35 6.09 -19.52
CA GLY A 89 21.14 6.57 -20.22
C GLY A 89 20.55 7.87 -19.66
N TYR A 90 21.16 8.48 -18.66
CA TYR A 90 20.70 9.76 -18.16
C TYR A 90 21.27 10.88 -19.03
N ASN A 91 20.52 11.96 -19.14
CA ASN A 91 20.94 13.16 -19.76
C ASN A 91 20.53 14.32 -18.83
N VAL A 92 21.45 14.72 -17.98
CA VAL A 92 21.22 15.73 -16.97
C VAL A 92 21.00 17.10 -17.62
N GLU A 93 21.88 17.48 -18.56
CA GLU A 93 21.88 18.84 -19.11
C GLU A 93 20.58 19.17 -19.84
N VAL A 94 19.88 18.19 -20.48
CA VAL A 94 18.56 18.51 -21.13
C VAL A 94 17.45 18.72 -20.10
N ARG A 95 17.61 18.28 -18.85
CA ARG A 95 16.55 18.49 -17.85
C ARG A 95 16.23 19.98 -17.82
N ASP A 96 14.95 20.34 -17.76
CA ASP A 96 14.57 21.76 -17.78
C ASP A 96 14.86 22.45 -16.43
N ARG A 97 15.16 21.71 -15.39
CA ARG A 97 15.58 22.31 -14.08
C ARG A 97 17.08 22.72 -14.10
N VAL A 98 17.85 22.31 -15.12
CA VAL A 98 19.17 22.85 -15.38
C VAL A 98 19.04 24.13 -16.25
N LYS A 99 19.34 25.27 -15.65
CA LYS A 99 19.18 26.54 -16.30
C LYS A 99 20.27 26.73 -17.36
N CYS A 100 21.44 26.16 -17.10
CA CYS A 100 22.54 26.24 -18.00
C CYS A 100 23.73 25.49 -17.39
N ILE A 101 24.75 25.30 -18.24
CA ILE A 101 26.02 24.89 -17.77
C ILE A 101 26.83 26.17 -17.51
N SER A 102 27.19 26.38 -16.25
CA SER A 102 27.89 27.57 -15.77
C SER A 102 29.12 27.81 -16.63
N GLY A 103 29.26 29.05 -17.10
CA GLY A 103 30.46 29.46 -17.80
C GLY A 103 31.69 29.43 -16.90
N VAL A 104 31.52 29.82 -15.64
CA VAL A 104 32.63 29.88 -14.67
C VAL A 104 33.03 28.44 -14.22
N GLU A 105 32.06 27.63 -13.78
CA GLU A 105 32.34 26.35 -13.13
C GLU A 105 32.27 25.12 -14.07
N GLY A 106 31.68 25.26 -15.25
CA GLY A 106 31.58 24.13 -16.22
C GLY A 106 30.71 23.01 -15.67
N VAL A 107 29.75 23.34 -14.78
CA VAL A 107 28.80 22.32 -14.30
C VAL A 107 27.40 22.91 -14.26
N PRO A 108 26.37 22.07 -14.12
CA PRO A 108 24.99 22.54 -14.04
C PRO A 108 24.66 23.49 -12.90
N LEU A 109 23.92 24.54 -13.27
CA LEU A 109 23.28 25.46 -12.36
C LEU A 109 21.80 25.12 -12.46
N SER A 110 21.19 24.69 -11.35
CA SER A 110 19.84 24.17 -11.32
C SER A 110 18.85 25.20 -10.77
N THR A 111 17.56 24.94 -10.95
CA THR A 111 16.51 25.80 -10.54
C THR A 111 15.36 24.99 -9.97
N GLN A 112 15.61 23.77 -9.46
CA GLN A 112 14.50 22.82 -9.13
C GLN A 112 13.41 23.48 -8.25
N TRP A 113 13.78 24.33 -7.28
CA TRP A 113 12.83 24.73 -6.23
C TRP A 113 12.48 26.24 -6.26
N GLY A 114 13.39 27.07 -6.77
CA GLY A 114 13.06 28.45 -7.06
C GLY A 114 13.78 28.93 -8.33
N PRO A 115 13.30 30.02 -8.98
CA PRO A 115 13.89 30.50 -10.22
C PRO A 115 15.32 31.07 -10.17
N GLN A 116 15.93 31.20 -8.98
CA GLN A 116 17.17 32.00 -8.81
C GLN A 116 18.38 31.34 -9.51
N GLY A 117 18.48 30.00 -9.41
CA GLY A 117 19.63 29.28 -9.98
C GLY A 117 20.73 29.12 -8.96
N TYR A 118 21.03 27.87 -8.57
CA TYR A 118 21.99 27.56 -7.52
C TYR A 118 22.76 26.30 -7.93
N PHE A 119 23.98 26.14 -7.43
CA PHE A 119 24.71 24.89 -7.59
C PHE A 119 24.13 23.86 -6.65
N TYR A 120 23.29 22.96 -7.15
CA TYR A 120 22.76 21.81 -6.40
C TYR A 120 23.74 20.66 -6.52
N PRO A 121 24.42 20.20 -5.46
CA PRO A 121 25.42 19.18 -5.65
C PRO A 121 24.97 17.89 -6.35
N ILE A 122 23.73 17.47 -6.13
CA ILE A 122 23.25 16.21 -6.68
C ILE A 122 23.29 16.32 -8.21
N GLN A 123 22.79 17.44 -8.73
CA GLN A 123 22.72 17.58 -10.18
CA GLN A 123 22.73 17.60 -10.16
C GLN A 123 24.16 17.53 -10.71
N ILE A 124 25.10 18.15 -9.98
CA ILE A 124 26.50 18.23 -10.42
C ILE A 124 27.15 16.85 -10.39
N ALA A 125 26.89 16.08 -9.34
CA ALA A 125 27.44 14.75 -9.26
C ALA A 125 26.86 13.85 -10.36
N GLN A 126 25.56 13.98 -10.60
CA GLN A 126 24.88 13.17 -11.62
C GLN A 126 25.38 13.58 -13.01
N TYR A 127 25.61 14.86 -13.25
CA TYR A 127 26.28 15.33 -14.47
C TYR A 127 27.57 14.55 -14.63
N GLY A 128 28.34 14.45 -13.56
CA GLY A 128 29.59 13.79 -13.66
C GLY A 128 29.46 12.31 -13.89
N LEU A 129 28.69 11.66 -13.02
CA LEU A 129 28.49 10.20 -13.08
C LEU A 129 27.92 9.77 -14.45
N SER A 130 26.97 10.53 -14.98
CA SER A 130 26.36 10.14 -16.27
C SER A 130 27.40 10.26 -17.40
N HIS A 131 28.15 11.36 -17.42
CA HIS A 131 29.22 11.48 -18.42
C HIS A 131 30.30 10.40 -18.22
N TYR A 132 30.68 10.10 -16.96
CA TYR A 132 31.64 9.05 -16.70
C TYR A 132 31.11 7.77 -17.35
N SER A 133 29.82 7.52 -17.25
CA SER A 133 29.27 6.22 -17.67
C SER A 133 29.18 6.18 -19.19
N LYS A 134 28.78 7.28 -19.78
CA LYS A 134 28.78 7.39 -21.22
C LYS A 134 30.19 7.24 -21.80
N ASN A 135 31.22 7.67 -21.08
CA ASN A 135 32.56 7.51 -21.54
C ASN A 135 32.88 6.02 -21.75
N LEU A 136 32.31 5.16 -20.89
CA LEU A 136 32.59 3.73 -20.91
C LEU A 136 31.74 3.00 -21.93
N THR A 137 30.65 3.59 -22.43
CA THR A 137 29.68 2.79 -23.23
C THR A 137 29.53 3.30 -24.66
N GLU A 138 29.75 4.60 -24.91
CA GLU A 138 29.56 5.22 -26.20
C GLU A 138 30.78 4.97 -27.08
N LYS A 139 30.60 5.14 -28.39
CA LYS A 139 31.70 5.09 -29.37
C LYS A 139 32.66 6.28 -29.13
N PRO A 140 33.99 6.11 -29.29
CA PRO A 140 34.90 7.24 -29.14
C PRO A 140 34.47 8.41 -30.01
N PRO A 141 34.60 9.66 -29.53
CA PRO A 141 34.25 10.82 -30.34
C PRO A 141 35.18 11.08 -31.54
N HIS A 142 34.62 11.63 -32.64
CA HIS A 142 35.44 12.25 -33.65
C HIS A 142 36.01 13.55 -33.06
N ILE A 143 37.31 13.79 -33.25
CA ILE A 143 37.99 14.99 -32.75
C ILE A 143 38.66 15.66 -33.94
N GLU A 144 38.22 16.88 -34.26
CA GLU A 144 38.75 17.70 -35.32
C GLU A 144 39.60 18.82 -34.69
N VAL A 145 40.88 18.89 -35.08
CA VAL A 145 41.76 19.93 -34.57
C VAL A 145 41.88 21.05 -35.62
N TYR A 146 41.58 22.29 -35.20
CA TYR A 146 41.63 23.45 -36.08
C TYR A 146 42.89 24.32 -35.85
N GLU A 147 43.49 24.29 -34.65
CA GLU A 147 44.61 25.20 -34.37
C GLU A 147 45.49 24.71 -33.22
N THR A 148 46.76 24.38 -33.55
CA THR A 148 47.79 23.95 -32.57
C THR A 148 48.90 25.02 -32.46
N ALA A 149 49.10 25.75 -33.55
CA ALA A 149 50.06 26.84 -33.68
C ALA A 149 51.49 26.35 -33.98
N GLU A 150 51.65 25.06 -34.32
CA GLU A 150 52.97 24.43 -34.50
C GLU A 150 53.49 24.67 -35.93
N ASP A 151 54.32 23.73 -36.42
CA ASP A 151 54.88 23.77 -37.77
C ASP A 151 54.33 22.61 -38.63
N ARG A 152 53.44 21.76 -38.06
CA ARG A 152 53.11 20.43 -38.62
C ARG A 152 52.38 20.55 -39.97
N ASN A 158 46.70 29.28 -43.52
CA ASN A 158 45.67 29.20 -42.45
C ASN A 158 44.31 29.66 -42.99
N ASP A 159 43.34 29.87 -42.08
CA ASP A 159 42.12 30.64 -42.42
C ASP A 159 41.65 31.44 -41.19
N TRP A 160 42.59 32.16 -40.56
CA TRP A 160 42.25 33.31 -39.74
C TRP A 160 42.07 34.53 -40.64
N THR A 161 41.14 35.40 -40.24
CA THR A 161 40.88 36.69 -40.81
C THR A 161 41.29 37.72 -39.75
N VAL A 162 42.31 38.52 -40.06
CA VAL A 162 42.77 39.61 -39.23
C VAL A 162 42.41 40.92 -39.94
N PRO A 163 41.29 41.59 -39.53
CA PRO A 163 40.96 42.92 -40.04
C PRO A 163 41.90 44.01 -39.52
N LYS A 164 41.80 45.19 -40.14
CA LYS A 164 42.62 46.35 -39.80
C LYS A 164 42.41 46.67 -38.32
N GLY A 165 43.51 47.06 -37.66
CA GLY A 165 43.51 47.35 -36.22
C GLY A 165 43.87 46.14 -35.36
N CYS A 166 43.74 44.94 -35.93
CA CYS A 166 44.04 43.69 -35.23
C CYS A 166 45.41 43.16 -35.68
N PHE A 167 46.00 42.33 -34.80
CA PHE A 167 47.21 41.62 -35.04
C PHE A 167 47.00 40.17 -34.60
N MET A 168 47.74 39.25 -35.21
CA MET A 168 47.89 37.88 -34.70
C MET A 168 49.33 37.43 -35.00
N ALA A 169 49.83 36.49 -34.18
CA ALA A 169 51.15 35.91 -34.34
C ALA A 169 51.26 34.61 -33.54
N ASN A 170 52.07 33.66 -34.04
CA ASN A 170 52.46 32.46 -33.26
C ASN A 170 53.56 32.88 -32.30
N VAL A 171 53.56 32.35 -31.08
CA VAL A 171 54.58 32.70 -30.11
C VAL A 171 54.83 31.46 -29.23
N ALA A 172 56.07 31.29 -28.77
CA ALA A 172 56.40 30.30 -27.75
C ALA A 172 55.68 30.64 -26.44
N ASP A 173 55.36 29.62 -25.65
CA ASP A 173 54.92 29.78 -24.28
C ASP A 173 55.70 28.76 -23.45
N LYS A 174 56.81 29.20 -22.85
CA LYS A 174 57.69 28.34 -22.05
C LYS A 174 56.88 27.71 -20.91
N SER A 175 55.94 28.48 -20.33
CA SER A 175 55.10 28.05 -19.16
C SER A 175 54.40 26.69 -19.39
N ARG A 176 54.10 26.36 -20.65
CA ARG A 176 53.30 25.19 -21.00
C ARG A 176 53.78 24.49 -22.29
N PHE A 177 55.11 24.56 -22.55
CA PHE A 177 55.91 23.67 -23.43
C PHE A 177 55.23 23.51 -24.79
N THR A 178 54.75 24.62 -25.37
CA THR A 178 54.02 24.56 -26.65
C THR A 178 54.06 25.92 -27.38
N ASN A 179 53.59 25.90 -28.62
CA ASN A 179 53.27 27.10 -29.38
C ASN A 179 51.77 27.41 -29.29
N VAL A 180 51.47 28.70 -29.47
CA VAL A 180 50.26 29.36 -29.01
C VAL A 180 49.95 30.50 -29.98
N LYS A 181 48.67 30.84 -30.15
CA LYS A 181 48.32 31.97 -30.99
C LYS A 181 47.99 33.16 -30.10
N GLN A 182 48.75 34.24 -30.27
CA GLN A 182 48.44 35.50 -29.63
C GLN A 182 47.52 36.32 -30.55
N PHE A 183 46.59 37.04 -29.96
CA PHE A 183 45.67 37.89 -30.67
C PHE A 183 45.54 39.22 -29.91
N ILE A 184 45.40 40.31 -30.69
CA ILE A 184 44.98 41.60 -30.16
C ILE A 184 43.88 42.14 -31.09
N ALA A 185 42.71 42.37 -30.50
CA ALA A 185 41.57 42.95 -31.18
C ALA A 185 40.80 43.83 -30.20
N PRO A 186 40.58 45.14 -30.50
CA PRO A 186 39.73 45.97 -29.64
C PRO A 186 38.27 45.53 -29.76
N GLU A 187 37.45 45.88 -28.75
CA GLU A 187 36.02 45.49 -28.66
C GLU A 187 35.18 46.23 -29.71
N THR A 188 35.67 47.35 -30.24
CA THR A 188 34.97 48.08 -31.31
C THR A 188 35.10 47.33 -32.66
N SER A 189 36.11 46.45 -32.82
CA SER A 189 36.39 45.77 -34.09
C SER A 189 35.46 44.56 -34.28
N GLU A 190 35.58 43.90 -35.44
CA GLU A 190 34.84 42.68 -35.75
C GLU A 190 35.49 41.47 -35.05
N GLY A 191 36.67 41.67 -34.42
CA GLY A 191 37.44 40.58 -33.83
C GLY A 191 38.15 39.75 -34.89
N VAL A 192 39.01 38.82 -34.44
CA VAL A 192 39.78 37.93 -35.33
C VAL A 192 39.06 36.58 -35.38
N SER A 193 38.99 35.98 -36.55
CA SER A 193 37.99 35.00 -36.82
C SER A 193 38.65 33.80 -37.53
N LEU A 194 38.36 32.61 -37.02
CA LEU A 194 38.84 31.35 -37.53
C LEU A 194 37.67 30.58 -38.11
N GLN A 195 37.69 30.30 -39.42
CA GLN A 195 36.66 29.48 -40.07
C GLN A 195 36.81 28.04 -39.55
N LEU A 196 35.67 27.42 -39.23
CA LEU A 196 35.61 26.07 -38.70
C LEU A 196 34.84 25.21 -39.69
N GLY A 197 33.50 25.28 -39.67
CA GLY A 197 32.65 24.63 -40.65
C GLY A 197 32.30 23.18 -40.32
N ASN A 198 32.11 22.86 -39.03
CA ASN A 198 31.77 21.49 -38.59
C ASN A 198 30.24 21.33 -38.63
N THR A 199 29.77 20.30 -39.34
CA THR A 199 28.35 19.99 -39.64
C THR A 199 27.78 18.95 -38.69
N LYS A 200 28.69 18.19 -38.04
CA LYS A 200 28.40 16.93 -37.34
C LYS A 200 28.64 17.02 -35.82
N ASP A 201 29.73 17.67 -35.39
CA ASP A 201 30.17 17.71 -33.99
C ASP A 201 30.01 19.13 -33.42
N PHE A 202 29.58 19.24 -32.16
CA PHE A 202 29.23 20.55 -31.59
C PHE A 202 29.84 20.80 -30.20
N ILE A 203 30.83 20.01 -29.78
CA ILE A 203 31.53 20.31 -28.54
C ILE A 203 32.84 21.04 -28.88
N ILE A 204 32.90 22.33 -28.55
CA ILE A 204 34.05 23.11 -28.89
C ILE A 204 34.93 23.24 -27.65
N SER A 205 36.24 23.15 -27.90
CA SER A 205 37.27 23.09 -26.85
C SER A 205 38.47 23.94 -27.30
N PHE A 206 39.04 24.71 -26.37
CA PHE A 206 40.25 25.51 -26.62
C PHE A 206 40.91 25.91 -25.30
N ASP A 207 42.25 25.94 -25.30
CA ASP A 207 43.02 26.53 -24.20
C ASP A 207 43.02 28.06 -24.36
N LEU A 208 42.90 28.76 -23.24
CA LEU A 208 42.67 30.21 -23.26
C LEU A 208 43.37 30.87 -22.08
N LYS A 209 44.14 31.93 -22.39
CA LYS A 209 44.60 32.92 -21.42
C LYS A 209 44.43 34.32 -22.01
N PHE A 210 43.76 35.17 -21.25
CA PHE A 210 43.51 36.57 -21.56
C PHE A 210 44.53 37.44 -20.80
N LEU A 211 45.12 38.43 -21.50
CA LEU A 211 45.92 39.49 -20.85
C LEU A 211 44.97 40.58 -20.37
N THR A 212 44.08 41.03 -21.26
CA THR A 212 43.05 42.02 -20.90
C THR A 212 41.70 41.30 -20.94
N ASN A 213 40.61 41.95 -20.55
CA ASN A 213 39.27 41.37 -20.65
C ASN A 213 38.97 41.09 -22.14
N GLY A 214 37.92 40.33 -22.42
CA GLY A 214 37.51 40.08 -23.80
C GLY A 214 36.46 38.98 -23.91
N SER A 215 36.43 38.32 -25.08
CA SER A 215 35.37 37.40 -25.45
C SER A 215 35.92 36.41 -26.50
N VAL A 216 35.43 35.15 -26.43
CA VAL A 216 35.55 34.20 -27.50
C VAL A 216 34.13 33.84 -27.88
N SER A 217 33.83 33.99 -29.18
CA SER A 217 32.49 33.90 -29.67
C SER A 217 32.39 32.79 -30.72
N VAL A 218 31.24 32.11 -30.79
CA VAL A 218 31.07 31.06 -31.75
C VAL A 218 29.76 31.28 -32.51
N VAL A 219 29.87 31.35 -33.84
CA VAL A 219 28.75 31.60 -34.73
C VAL A 219 28.19 30.24 -35.20
N LEU A 220 26.87 30.10 -35.17
CA LEU A 220 26.18 28.85 -35.48
C LEU A 220 25.11 29.14 -36.53
N GLU A 221 25.12 28.36 -37.59
CA GLU A 221 23.99 28.25 -38.47
C GLU A 221 23.01 27.29 -37.77
N THR A 222 21.75 27.70 -37.62
CA THR A 222 20.75 26.93 -36.91
C THR A 222 19.64 26.47 -37.86
N THR A 223 18.75 25.64 -37.30
CA THR A 223 17.57 25.10 -37.92
C THR A 223 16.36 26.01 -37.74
N GLU A 224 16.53 27.18 -37.11
CA GLU A 224 15.44 28.16 -37.03
C GLU A 224 15.53 29.09 -38.26
N LYS A 225 15.00 28.57 -39.38
CA LYS A 225 14.89 29.27 -40.63
C LYS A 225 16.28 29.76 -41.09
N ASN A 226 17.32 28.95 -40.86
CA ASN A 226 18.66 29.13 -41.40
C ASN A 226 19.41 30.33 -40.73
N GLN A 227 18.95 30.77 -39.57
CA GLN A 227 19.48 32.02 -38.99
C GLN A 227 20.80 31.74 -38.26
N LEU A 228 21.69 32.75 -38.29
CA LEU A 228 22.91 32.73 -37.50
C LEU A 228 22.63 33.19 -36.08
N PHE A 229 22.96 32.35 -35.10
CA PHE A 229 23.03 32.71 -33.67
C PHE A 229 24.49 32.70 -33.27
N THR A 230 24.86 33.62 -32.38
CA THR A 230 26.21 33.73 -31.87
C THR A 230 26.23 33.58 -30.35
N ILE A 231 27.14 32.72 -29.88
CA ILE A 231 27.35 32.51 -28.46
C ILE A 231 28.68 33.13 -28.07
N HIS A 232 28.60 34.12 -27.18
CA HIS A 232 29.72 34.89 -26.67
C HIS A 232 30.10 34.35 -25.28
N TYR A 233 31.32 33.83 -25.16
CA TYR A 233 31.93 33.52 -23.86
C TYR A 233 32.81 34.70 -23.43
N VAL A 234 32.27 35.53 -22.53
CA VAL A 234 32.84 36.80 -22.13
C VAL A 234 33.60 36.65 -20.81
N SER A 235 34.67 37.43 -20.63
CA SER A 235 35.59 37.30 -19.47
C SER A 235 35.12 38.11 -18.26
N ASN A 236 33.89 37.83 -17.79
CA ASN A 236 33.26 38.43 -16.59
C ASN A 236 32.49 37.31 -15.87
N ALA A 237 31.76 37.63 -14.80
CA ALA A 237 30.97 36.66 -13.97
C ALA A 237 29.46 36.80 -14.21
N GLN A 238 29.09 37.55 -15.25
CA GLN A 238 27.73 37.83 -15.73
C GLN A 238 26.89 36.54 -15.76
N LEU A 239 25.65 36.63 -15.26
CA LEU A 239 24.64 35.57 -15.44
C LEU A 239 24.31 35.43 -16.95
N ILE A 240 23.99 34.19 -17.39
CA ILE A 240 23.55 33.91 -18.77
C ILE A 240 22.54 34.99 -19.21
N ALA A 241 22.67 35.42 -20.46
CA ALA A 241 21.80 36.45 -21.08
C ALA A 241 21.49 36.08 -22.53
N PHE A 242 20.33 36.55 -23.01
CA PHE A 242 19.86 36.26 -24.37
C PHE A 242 19.09 37.47 -24.92
N LYS A 243 19.66 38.11 -25.93
CA LYS A 243 19.06 39.23 -26.72
C LYS A 243 19.03 38.87 -28.21
N GLU A 244 17.82 38.70 -28.78
CA GLU A 244 17.62 38.51 -30.24
C GLU A 244 18.22 37.19 -30.72
N ARG A 245 19.49 37.26 -31.15
CA ARG A 245 20.26 36.10 -31.62
C ARG A 245 21.68 36.07 -31.05
N ASP A 246 21.90 36.79 -29.94
CA ASP A 246 23.15 36.74 -29.20
C ASP A 246 22.88 36.09 -27.83
N ILE A 247 23.69 35.07 -27.51
CA ILE A 247 23.71 34.44 -26.21
C ILE A 247 25.06 34.77 -25.55
N TYR A 248 24.99 35.14 -24.27
CA TYR A 248 26.14 35.56 -23.53
C TYR A 248 26.29 34.63 -22.30
N TYR A 249 27.49 34.06 -22.15
CA TYR A 249 27.89 33.32 -20.98
C TYR A 249 29.12 33.99 -20.38
N GLY A 250 29.09 34.28 -19.07
CA GLY A 250 30.29 34.71 -18.34
C GLY A 250 31.19 33.52 -18.04
N ILE A 251 32.45 33.52 -18.50
CA ILE A 251 33.36 32.38 -18.25
C ILE A 251 34.42 32.77 -17.21
N GLY A 252 34.25 33.93 -16.59
CA GLY A 252 35.24 34.42 -15.63
C GLY A 252 36.50 35.00 -16.29
N PRO A 253 37.44 35.52 -15.50
CA PRO A 253 38.60 36.22 -16.07
C PRO A 253 39.49 35.44 -17.06
N ARG A 254 39.65 34.12 -16.86
CA ARG A 254 40.64 33.24 -17.54
C ARG A 254 41.95 33.98 -17.81
N THR A 255 42.56 34.57 -16.75
CA THR A 255 43.85 35.28 -16.84
C THR A 255 45.01 34.31 -16.54
N SER A 256 44.71 33.05 -16.22
CA SER A 256 45.66 31.89 -16.26
C SER A 256 45.16 30.87 -17.30
N TRP A 257 46.07 30.03 -17.79
CA TRP A 257 45.72 28.97 -18.76
C TRP A 257 44.61 28.07 -18.17
N SER A 258 43.63 27.75 -19.01
CA SER A 258 42.67 26.68 -18.73
C SER A 258 42.03 26.26 -20.06
N THR A 259 41.58 25.00 -20.08
CA THR A 259 40.80 24.45 -21.15
C THR A 259 39.32 24.81 -20.96
N VAL A 260 38.74 25.57 -21.91
CA VAL A 260 37.31 25.77 -21.99
C VAL A 260 36.75 24.71 -22.92
N THR A 261 35.68 24.05 -22.46
CA THR A 261 34.97 23.00 -23.16
C THR A 261 33.45 23.25 -23.02
N ARG A 262 32.78 23.48 -24.16
CA ARG A 262 31.41 23.92 -24.19
C ARG A 262 30.65 23.10 -25.23
N ASP A 263 29.49 22.56 -24.83
CA ASP A 263 28.52 21.91 -25.72
C ASP A 263 27.65 22.97 -26.36
N LEU A 264 27.90 23.25 -27.65
CA LEU A 264 27.20 24.32 -28.34
C LEU A 264 25.69 23.99 -28.48
N VAL A 265 25.33 22.72 -28.56
CA VAL A 265 23.89 22.30 -28.58
C VAL A 265 23.21 22.78 -27.30
N THR A 266 23.70 22.30 -26.14
CA THR A 266 23.18 22.72 -24.82
C THR A 266 23.24 24.26 -24.71
N ASP A 267 24.41 24.85 -24.97
CA ASP A 267 24.60 26.27 -24.75
C ASP A 267 23.62 27.08 -25.62
N LEU A 268 23.40 26.65 -26.87
CA LEU A 268 22.41 27.30 -27.75
C LEU A 268 20.99 27.17 -27.15
N ARG A 269 20.58 25.95 -26.78
CA ARG A 269 19.21 25.66 -26.31
C ARG A 269 18.91 26.34 -24.98
N LYS A 270 19.90 26.40 -24.09
CA LYS A 270 19.71 26.99 -22.81
C LYS A 270 19.58 28.52 -22.96
N GLY A 271 20.33 29.10 -23.88
CA GLY A 271 20.22 30.53 -24.18
C GLY A 271 18.88 30.92 -24.78
N VAL A 272 18.48 30.26 -25.87
CA VAL A 272 17.24 30.61 -26.54
C VAL A 272 16.05 30.30 -25.63
N GLY A 273 16.20 29.28 -24.77
CA GLY A 273 15.17 28.93 -23.80
C GLY A 273 15.24 29.71 -22.50
N LEU A 274 16.12 30.70 -22.39
CA LEU A 274 16.21 31.46 -21.16
C LEU A 274 14.83 31.92 -20.71
N SER A 275 14.50 31.58 -19.46
CA SER A 275 13.23 31.88 -18.81
C SER A 275 13.50 32.50 -17.43
N ASN A 276 12.50 33.23 -16.92
CA ASN A 276 12.53 33.80 -15.56
C ASN A 276 11.84 32.86 -14.56
N THR A 277 11.38 31.69 -15.03
CA THR A 277 10.73 30.66 -14.22
C THR A 277 11.75 29.57 -13.86
N LYS A 278 11.26 28.52 -13.18
CA LYS A 278 12.12 27.43 -12.70
C LYS A 278 12.36 26.40 -13.82
N ALA A 279 11.77 26.62 -14.99
CA ALA A 279 11.90 25.70 -16.11
C ALA A 279 12.32 26.45 -17.38
N VAL A 280 13.28 25.87 -18.09
CA VAL A 280 13.70 26.37 -19.35
C VAL A 280 12.55 26.17 -20.34
N LYS A 281 12.26 27.20 -21.14
CA LYS A 281 11.15 27.09 -22.08
C LYS A 281 11.61 26.13 -23.17
N PRO A 282 10.75 25.19 -23.61
CA PRO A 282 11.17 24.21 -24.62
C PRO A 282 11.44 24.96 -25.94
N THR A 283 12.42 24.45 -26.69
CA THR A 283 12.79 24.96 -28.00
C THR A 283 13.17 23.76 -28.86
N LYS A 284 13.03 23.88 -30.16
CA LYS A 284 13.43 22.83 -31.08
C LYS A 284 14.79 23.18 -31.71
N ILE A 285 15.33 24.38 -31.42
CA ILE A 285 16.45 24.90 -32.14
C ILE A 285 17.68 23.99 -31.95
N MET A 286 18.30 23.65 -33.08
CA MET A 286 19.57 22.91 -33.13
C MET A 286 20.56 23.68 -33.97
N PRO A 287 21.86 23.63 -33.63
CA PRO A 287 22.90 24.11 -34.52
C PRO A 287 23.09 23.11 -35.67
N LYS A 288 23.30 23.56 -36.90
CA LYS A 288 23.61 22.60 -37.97
C LYS A 288 25.03 22.80 -38.52
N LYS A 289 25.70 23.91 -38.16
CA LYS A 289 27.07 24.15 -38.54
C LYS A 289 27.72 25.11 -37.55
N VAL A 290 28.89 24.72 -37.04
CA VAL A 290 29.72 25.62 -36.31
C VAL A 290 30.56 26.45 -37.31
N VAL A 291 30.20 27.72 -37.51
CA VAL A 291 30.68 28.48 -38.62
C VAL A 291 32.12 28.98 -38.35
N ARG A 292 32.28 29.76 -37.27
CA ARG A 292 33.56 30.43 -37.01
C ARG A 292 33.68 30.81 -35.54
N LEU A 293 34.94 30.99 -35.11
CA LEU A 293 35.28 31.42 -33.77
C LEU A 293 35.91 32.82 -33.84
N ILE A 294 35.41 33.73 -33.00
CA ILE A 294 35.70 35.15 -33.00
C ILE A 294 36.35 35.59 -31.65
N ALA A 295 37.62 36.08 -31.70
CA ALA A 295 38.39 36.52 -30.50
C ALA A 295 38.50 38.05 -30.42
N LYS A 296 38.18 38.57 -29.25
CA LYS A 296 38.25 39.98 -28.94
C LYS A 296 39.00 40.19 -27.64
N GLY A 297 39.56 41.40 -27.46
CA GLY A 297 40.52 41.71 -26.41
C GLY A 297 41.92 41.23 -26.75
N LYS A 298 42.82 41.18 -25.76
CA LYS A 298 44.20 40.75 -25.93
C LYS A 298 44.38 39.43 -25.18
N GLY A 299 44.88 38.40 -25.87
CA GLY A 299 45.20 37.17 -25.18
C GLY A 299 45.87 36.14 -26.07
N PHE A 300 45.73 34.89 -25.65
CA PHE A 300 46.34 33.72 -26.25
C PHE A 300 45.29 32.60 -26.34
N LEU A 301 45.51 31.69 -27.29
CA LEU A 301 44.52 30.71 -27.72
C LEU A 301 45.29 29.50 -28.26
N ASP A 302 44.99 28.31 -27.73
CA ASP A 302 45.61 27.09 -28.28
C ASP A 302 44.62 25.93 -28.36
N ASN A 303 44.98 24.89 -29.11
CA ASN A 303 44.31 23.59 -29.14
C ASN A 303 42.81 23.76 -29.44
N ILE A 304 42.47 24.50 -30.51
CA ILE A 304 41.08 24.73 -30.83
C ILE A 304 40.55 23.50 -31.55
N THR A 305 39.44 22.96 -31.02
CA THR A 305 38.98 21.57 -31.26
C THR A 305 37.44 21.51 -31.31
N ILE A 306 36.90 20.65 -32.16
CA ILE A 306 35.50 20.27 -32.09
C ILE A 306 35.40 18.75 -32.06
N SER A 307 34.60 18.26 -31.11
CA SER A 307 34.46 16.83 -30.83
C SER A 307 32.98 16.45 -30.74
N THR A 308 32.68 15.18 -31.02
CA THR A 308 31.33 14.67 -30.87
C THR A 308 30.84 14.81 -29.43
N THR A 309 31.71 14.42 -28.48
CA THR A 309 31.44 14.39 -27.06
C THR A 309 32.73 14.70 -26.30
N ALA A 310 32.63 15.22 -25.09
CA ALA A 310 33.79 15.42 -24.24
C ALA A 310 33.43 14.99 -22.82
N HIS A 311 33.26 13.67 -22.67
CA HIS A 311 32.69 13.10 -21.49
C HIS A 311 33.64 13.28 -20.30
N MET A 312 34.93 13.01 -20.48
CA MET A 312 35.86 13.09 -19.36
C MET A 312 36.04 14.55 -18.88
N ALA A 313 35.93 15.54 -19.77
CA ALA A 313 36.05 16.92 -19.33
C ALA A 313 34.82 17.29 -18.47
N ALA A 314 33.65 16.74 -18.80
CA ALA A 314 32.46 16.98 -18.01
C ALA A 314 32.61 16.31 -16.64
N PHE A 315 33.01 15.04 -16.63
CA PHE A 315 33.26 14.28 -15.44
C PHE A 315 34.25 15.04 -14.52
N PHE A 316 35.34 15.57 -15.09
CA PHE A 316 36.36 16.17 -14.24
C PHE A 316 35.86 17.53 -13.75
N ALA A 317 35.03 18.20 -14.55
CA ALA A 317 34.57 19.51 -14.12
C ALA A 317 33.73 19.32 -12.87
N ALA A 318 32.94 18.24 -12.86
CA ALA A 318 32.10 17.91 -11.71
C ALA A 318 32.97 17.53 -10.51
N SER A 319 34.00 16.72 -10.78
CA SER A 319 34.89 16.22 -9.74
C SER A 319 35.62 17.38 -9.05
N ASP A 320 36.17 18.28 -9.87
CA ASP A 320 36.90 19.46 -9.38
C ASP A 320 35.93 20.41 -8.67
N TRP A 321 34.72 20.55 -9.18
CA TRP A 321 33.76 21.35 -8.45
C TRP A 321 33.51 20.79 -7.03
N LEU A 322 33.43 19.47 -6.90
CA LEU A 322 33.10 18.87 -5.61
C LEU A 322 34.26 19.10 -4.62
N VAL A 323 35.50 18.98 -5.11
CA VAL A 323 36.67 19.12 -4.27
C VAL A 323 36.73 20.54 -3.70
N ARG A 324 36.52 21.53 -4.57
CA ARG A 324 36.63 22.93 -4.28
C ARG A 324 35.48 23.39 -3.38
N ASN A 325 34.33 22.73 -3.40
CA ASN A 325 33.14 23.31 -2.71
C ASN A 325 32.78 22.53 -1.45
N GLN A 326 33.53 21.43 -1.14
CA GLN A 326 33.33 20.69 0.10
C GLN A 326 33.68 21.61 1.27
N ASP A 327 32.89 21.61 2.34
CA ASP A 327 33.15 22.48 3.51
C ASP A 327 33.99 21.71 4.53
N GLU A 328 34.31 22.39 5.63
CA GLU A 328 35.26 21.88 6.67
C GLU A 328 34.66 20.66 7.39
N LYS A 329 33.33 20.47 7.31
CA LYS A 329 32.65 19.31 7.90
C LYS A 329 32.53 18.16 6.89
N GLY A 330 33.06 18.34 5.68
CA GLY A 330 33.08 17.30 4.66
C GLY A 330 31.77 17.24 3.90
N GLY A 331 30.92 18.25 4.07
CA GLY A 331 29.64 18.33 3.37
C GLY A 331 29.65 19.28 2.17
N TRP A 332 28.69 19.07 1.28
CA TRP A 332 28.31 20.03 0.26
C TRP A 332 27.05 20.72 0.70
N PRO A 333 27.15 21.87 1.37
CA PRO A 333 25.97 22.48 1.93
C PRO A 333 25.08 22.92 0.77
N ILE A 334 23.77 22.76 0.96
CA ILE A 334 22.80 23.14 -0.01
C ILE A 334 22.22 24.49 0.39
N MET A 335 22.42 25.48 -0.47
CA MET A 335 22.37 26.87 -0.03
C MET A 335 21.00 27.48 -0.37
N VAL A 336 19.98 26.65 -0.62
CA VAL A 336 18.60 27.14 -0.79
C VAL A 336 17.68 26.43 0.22
N THR A 337 16.59 27.11 0.52
CA THR A 337 15.54 26.61 1.35
C THR A 337 14.88 25.44 0.64
N ARG A 338 14.46 24.45 1.41
CA ARG A 338 13.69 23.37 0.92
C ARG A 338 12.54 23.07 1.90
N LYS A 339 11.32 23.24 1.40
CA LYS A 339 10.09 22.92 2.09
C LYS A 339 9.58 21.58 1.55
N LEU A 340 9.70 20.52 2.37
CA LEU A 340 9.43 19.23 1.86
C LEU A 340 7.93 18.96 1.85
N GLY A 341 7.13 19.67 2.65
CA GLY A 341 5.67 19.45 2.66
C GLY A 341 5.05 19.85 4.00
N GLU A 342 3.74 20.14 4.06
CA GLU A 342 3.09 20.41 5.35
C GLU A 342 3.43 19.28 6.34
N GLY A 343 3.96 19.70 7.50
CA GLY A 343 4.33 18.82 8.58
C GLY A 343 5.84 18.88 8.82
N PHE A 344 6.61 19.10 7.75
CA PHE A 344 8.06 19.11 7.80
C PHE A 344 8.55 20.54 7.99
N LYS A 345 9.34 20.77 9.02
CA LYS A 345 10.02 22.05 9.20
C LYS A 345 10.82 22.35 7.93
N SER A 346 10.86 23.65 7.59
CA SER A 346 11.55 24.05 6.40
C SER A 346 13.06 23.88 6.67
N LEU A 347 13.81 23.44 5.66
CA LEU A 347 15.25 23.28 5.77
C LEU A 347 15.92 24.60 5.42
N GLU A 348 16.59 25.20 6.39
CA GLU A 348 17.30 26.46 6.21
C GLU A 348 18.55 26.22 5.38
N PRO A 349 19.02 27.19 4.57
CA PRO A 349 20.25 27.02 3.78
C PRO A 349 21.45 26.48 4.60
N GLY A 350 22.28 25.65 3.96
CA GLY A 350 23.41 24.97 4.61
C GLY A 350 23.08 23.55 5.08
N TRP A 351 21.94 23.00 4.64
CA TRP A 351 21.57 21.66 5.05
C TRP A 351 22.36 20.71 4.14
N TYR A 352 22.66 19.50 4.64
CA TYR A 352 23.30 18.47 3.86
C TYR A 352 22.30 17.40 3.42
N SER A 353 22.67 16.67 2.38
CA SER A 353 21.84 15.61 1.88
C SER A 353 22.68 14.34 1.83
N ALA A 354 22.15 13.25 2.34
CA ALA A 354 22.83 11.97 2.18
C ALA A 354 23.01 11.58 0.71
N MET A 355 22.11 12.04 -0.15
CA MET A 355 22.16 11.63 -1.54
C MET A 355 23.30 12.40 -2.20
N ALA A 356 23.40 13.67 -1.86
CA ALA A 356 24.52 14.49 -2.30
C ALA A 356 25.84 13.90 -1.82
N GLN A 357 25.94 13.58 -0.52
CA GLN A 357 27.20 13.06 0.01
C GLN A 357 27.57 11.78 -0.77
N GLY A 358 26.61 10.87 -0.94
CA GLY A 358 26.91 9.59 -1.55
C GLY A 358 27.29 9.72 -3.02
N GLN A 359 26.50 10.49 -3.76
CA GLN A 359 26.74 10.64 -5.17
C GLN A 359 28.10 11.34 -5.39
N ALA A 360 28.39 12.36 -4.57
CA ALA A 360 29.67 13.02 -4.59
C ALA A 360 30.80 11.99 -4.35
N ILE A 361 30.65 11.13 -3.34
CA ILE A 361 31.66 10.17 -3.04
C ILE A 361 31.86 9.27 -4.25
N SER A 362 30.75 8.81 -4.87
CA SER A 362 30.81 7.90 -6.03
C SER A 362 31.58 8.56 -7.19
N THR A 363 31.42 9.87 -7.35
CA THR A 363 32.13 10.67 -8.34
C THR A 363 33.63 10.76 -7.99
N LEU A 364 33.91 11.17 -6.75
CA LEU A 364 35.31 11.35 -6.27
C LEU A 364 36.09 10.03 -6.27
N VAL A 365 35.46 8.91 -5.91
CA VAL A 365 36.13 7.64 -5.92
C VAL A 365 36.55 7.33 -7.37
N ARG A 366 35.67 7.61 -8.31
CA ARG A 366 35.96 7.31 -9.69
C ARG A 366 37.11 8.20 -10.16
N ALA A 367 37.11 9.46 -9.70
CA ALA A 367 38.17 10.36 -10.10
C ALA A 367 39.52 9.88 -9.56
N TYR A 368 39.50 9.36 -8.33
CA TYR A 368 40.69 8.83 -7.68
C TYR A 368 41.22 7.60 -8.44
N LEU A 369 40.34 6.68 -8.81
CA LEU A 369 40.77 5.42 -9.44
C LEU A 369 41.39 5.69 -10.81
N LEU A 370 40.96 6.75 -11.48
CA LEU A 370 41.46 7.10 -12.81
C LEU A 370 42.85 7.76 -12.69
N THR A 371 42.99 8.73 -11.77
CA THR A 371 44.09 9.69 -11.74
C THR A 371 45.15 9.30 -10.70
N LYS A 372 44.78 8.49 -9.71
CA LYS A 372 45.61 8.15 -8.51
C LYS A 372 45.99 9.41 -7.71
N ASP A 373 45.28 10.51 -7.92
CA ASP A 373 45.48 11.75 -7.22
C ASP A 373 44.66 11.69 -5.92
N HIS A 374 45.36 11.59 -4.80
CA HIS A 374 44.83 11.40 -3.46
C HIS A 374 43.97 12.57 -2.99
N ILE A 375 44.06 13.73 -3.65
CA ILE A 375 43.12 14.85 -3.37
C ILE A 375 41.66 14.36 -3.53
N PHE A 376 41.39 13.41 -4.44
CA PHE A 376 40.04 12.99 -4.70
C PHE A 376 39.59 12.05 -3.58
N LEU A 377 40.48 11.13 -3.20
CA LEU A 377 40.13 10.19 -2.15
C LEU A 377 40.00 10.89 -0.80
N ASN A 378 40.89 11.85 -0.56
CA ASN A 378 40.86 12.61 0.69
CA ASN A 378 40.87 12.60 0.69
C ASN A 378 39.50 13.28 0.83
N SER A 379 38.95 13.83 -0.28
CA SER A 379 37.62 14.50 -0.24
C SER A 379 36.51 13.47 0.06
N ALA A 380 36.60 12.31 -0.59
CA ALA A 380 35.62 11.25 -0.42
C ALA A 380 35.65 10.77 1.05
N LEU A 381 36.85 10.57 1.62
CA LEU A 381 36.98 10.11 3.03
C LEU A 381 36.35 11.13 3.98
N ARG A 382 36.54 12.42 3.72
CA ARG A 382 35.97 13.45 4.57
C ARG A 382 34.44 13.47 4.45
N ALA A 383 33.90 13.03 3.29
CA ALA A 383 32.51 13.17 2.97
C ALA A 383 31.63 12.22 3.80
N THR A 384 32.25 11.26 4.51
CA THR A 384 31.41 10.44 5.39
C THR A 384 31.02 11.17 6.66
N ALA A 385 31.62 12.32 6.96
CA ALA A 385 31.47 12.82 8.32
C ALA A 385 29.99 13.11 8.64
N PRO A 386 29.22 13.76 7.75
CA PRO A 386 27.84 14.11 8.05
C PRO A 386 26.90 12.92 8.31
N TYR A 387 27.30 11.72 7.93
CA TYR A 387 26.56 10.54 8.16
C TYR A 387 26.53 10.17 9.66
N LYS A 388 27.43 10.75 10.44
CA LYS A 388 27.62 10.36 11.85
C LYS A 388 26.75 11.26 12.75
N PHE A 389 26.19 12.33 12.22
CA PHE A 389 25.52 13.32 13.05
C PHE A 389 24.04 13.36 12.63
N LEU A 390 23.17 13.43 13.63
CA LEU A 390 21.75 13.53 13.43
C LEU A 390 21.43 14.84 12.70
N SER A 391 20.23 14.88 12.11
CA SER A 391 19.71 15.96 11.29
C SER A 391 19.73 17.28 12.03
N GLU A 392 19.32 17.25 13.30
CA GLU A 392 19.22 18.43 14.17
C GLU A 392 20.60 18.90 14.66
N GLN A 393 21.64 18.10 14.49
CA GLN A 393 23.06 18.50 14.72
C GLN A 393 23.82 18.69 13.39
N HIS A 394 23.16 19.13 12.33
CA HIS A 394 23.82 19.45 11.02
C HIS A 394 24.42 18.21 10.36
N GLY A 395 23.81 17.04 10.55
CA GLY A 395 24.17 15.88 9.77
C GLY A 395 23.00 15.39 8.92
N VAL A 396 23.07 14.10 8.52
CA VAL A 396 22.07 13.46 7.70
C VAL A 396 21.53 12.18 8.34
N LYS A 397 21.90 11.89 9.57
CA LYS A 397 21.46 10.66 10.17
C LYS A 397 20.10 10.84 10.83
N ALA A 398 19.24 9.85 10.60
CA ALA A 398 17.96 9.73 11.24
C ALA A 398 17.89 8.33 11.82
N VAL A 399 17.12 8.13 12.87
CA VAL A 399 16.94 6.80 13.41
C VAL A 399 15.46 6.45 13.35
N PHE A 400 15.15 5.31 12.74
CA PHE A 400 13.78 4.86 12.66
C PHE A 400 13.41 4.07 13.93
N MET A 401 12.49 4.63 14.71
CA MET A 401 11.90 3.96 15.87
C MET A 401 13.00 3.46 16.80
N ASN A 402 13.97 4.33 17.12
CA ASN A 402 15.08 4.03 18.01
CA ASN A 402 15.02 3.99 18.05
C ASN A 402 15.70 2.66 17.67
N LYS A 403 15.77 2.29 16.39
CA LYS A 403 16.34 1.00 16.08
C LYS A 403 17.23 0.96 14.81
N HIS A 404 16.85 1.60 13.69
CA HIS A 404 17.58 1.46 12.41
C HIS A 404 18.16 2.81 11.99
N ASP A 405 19.48 2.90 11.92
CA ASP A 405 20.14 4.06 11.38
C ASP A 405 19.71 4.25 9.91
N TRP A 406 19.43 5.49 9.54
CA TRP A 406 19.17 5.85 8.22
C TRP A 406 19.93 7.12 7.83
N TYR A 407 20.17 7.35 6.53
CA TYR A 407 20.87 8.55 6.03
C TYR A 407 19.92 9.27 5.08
N GLU A 408 19.54 10.48 5.45
CA GLU A 408 18.42 11.21 4.92
C GLU A 408 18.81 12.01 3.68
N GLU A 409 18.03 11.85 2.62
CA GLU A 409 18.04 12.73 1.47
C GLU A 409 17.64 14.14 1.90
N TYR A 410 16.63 14.24 2.76
CA TYR A 410 16.16 15.49 3.31
C TYR A 410 16.18 15.37 4.84
N PRO A 411 17.16 15.99 5.54
CA PRO A 411 17.28 15.79 6.99
C PRO A 411 16.30 16.69 7.76
N THR A 412 15.02 16.32 7.65
CA THR A 412 13.92 17.06 8.11
C THR A 412 13.64 16.72 9.59
N THR A 413 12.86 17.58 10.24
CA THR A 413 12.16 17.29 11.45
C THR A 413 10.65 17.35 11.24
N PRO A 414 9.92 16.28 11.52
CA PRO A 414 10.41 14.92 11.76
C PRO A 414 11.19 14.35 10.59
N SER A 415 11.79 13.18 10.82
CA SER A 415 12.50 12.45 9.78
C SER A 415 11.58 12.13 8.60
N SER A 416 12.15 12.01 7.40
CA SER A 416 11.41 11.81 6.18
C SER A 416 11.65 10.43 5.57
N PHE A 417 12.85 9.87 5.67
CA PHE A 417 13.11 8.46 5.25
C PHE A 417 12.80 8.24 3.76
N VAL A 418 13.31 9.10 2.89
CA VAL A 418 13.19 8.91 1.45
C VAL A 418 14.07 7.74 0.98
N LEU A 419 13.47 6.79 0.28
CA LEU A 419 14.15 5.52 -0.06
C LEU A 419 15.30 5.73 -1.05
N ASN A 420 15.09 6.46 -2.13
CA ASN A 420 16.05 6.40 -3.19
C ASN A 420 17.34 7.11 -2.77
N GLY A 421 17.20 8.28 -2.15
CA GLY A 421 18.36 9.01 -1.63
C GLY A 421 19.20 8.19 -0.67
N PHE A 422 18.54 7.41 0.20
CA PHE A 422 19.20 6.56 1.11
C PHE A 422 20.02 5.54 0.34
N MET A 423 19.44 4.92 -0.69
CA MET A 423 20.18 3.84 -1.38
C MET A 423 21.40 4.44 -2.13
N TYR A 424 21.27 5.65 -2.65
CA TYR A 424 22.46 6.28 -3.23
C TYR A 424 23.51 6.59 -2.14
N SER A 425 23.07 6.95 -0.92
CA SER A 425 24.03 7.24 0.15
C SER A 425 24.84 5.98 0.46
N LEU A 426 24.21 4.80 0.33
CA LEU A 426 24.89 3.51 0.62
C LEU A 426 25.85 3.12 -0.51
N ILE A 427 25.45 3.36 -1.76
CA ILE A 427 26.28 3.00 -2.90
C ILE A 427 27.57 3.83 -2.85
N GLY A 428 27.50 5.06 -2.37
CA GLY A 428 28.68 5.88 -2.16
C GLY A 428 29.60 5.25 -1.11
N LEU A 429 29.02 4.85 0.02
CA LEU A 429 29.84 4.25 1.04
C LEU A 429 30.47 2.96 0.51
N TYR A 430 29.71 2.16 -0.27
CA TYR A 430 30.29 0.96 -0.86
C TYR A 430 31.51 1.31 -1.74
N ASP A 431 31.37 2.34 -2.57
CA ASP A 431 32.41 2.74 -3.47
C ASP A 431 33.68 3.09 -2.66
N LEU A 432 33.50 3.85 -1.60
CA LEU A 432 34.57 4.38 -0.82
C LEU A 432 35.28 3.26 -0.08
N LYS A 433 34.51 2.36 0.56
CA LYS A 433 35.09 1.30 1.39
C LYS A 433 35.85 0.30 0.52
N GLU A 434 35.38 0.06 -0.69
CA GLU A 434 36.07 -0.86 -1.59
C GLU A 434 37.36 -0.22 -2.14
N THR A 435 37.47 1.10 -2.07
CA THR A 435 38.52 1.81 -2.71
C THR A 435 39.56 2.32 -1.71
N ALA A 436 39.14 2.68 -0.50
CA ALA A 436 40.06 3.28 0.47
C ALA A 436 41.06 2.27 1.05
N GLY A 437 40.74 0.95 0.97
CA GLY A 437 41.48 -0.09 1.72
C GLY A 437 41.00 -0.23 3.17
N GLU A 438 41.51 -1.27 3.84
CA GLU A 438 41.00 -1.76 5.14
C GLU A 438 41.11 -0.66 6.19
N LYS A 439 42.27 0.00 6.30
CA LYS A 439 42.53 0.95 7.38
C LYS A 439 41.57 2.14 7.26
N LEU A 440 41.68 2.89 6.15
CA LEU A 440 41.00 4.17 5.99
C LEU A 440 39.53 4.00 5.62
N GLY A 441 39.14 2.80 5.15
CA GLY A 441 37.76 2.56 4.79
C GLY A 441 36.87 2.17 5.96
N LYS A 442 37.45 2.13 7.16
CA LYS A 442 36.79 1.59 8.35
C LYS A 442 35.46 2.30 8.60
N GLU A 443 35.46 3.64 8.60
CA GLU A 443 34.29 4.44 8.87
C GLU A 443 33.21 4.19 7.80
N ALA A 444 33.60 4.24 6.52
CA ALA A 444 32.68 3.98 5.46
C ALA A 444 32.08 2.57 5.61
N ARG A 445 32.93 1.61 5.98
CA ARG A 445 32.54 0.21 6.07
C ARG A 445 31.43 0.06 7.12
N SER A 446 31.61 0.75 8.23
CA SER A 446 30.77 0.63 9.37
C SER A 446 29.41 1.30 9.10
N LEU A 447 29.44 2.49 8.51
CA LEU A 447 28.18 3.24 8.12
C LEU A 447 27.39 2.41 7.08
N TYR A 448 28.10 1.79 6.14
CA TYR A 448 27.48 0.94 5.13
C TYR A 448 26.75 -0.25 5.76
N GLU A 449 27.48 -1.05 6.53
CA GLU A 449 26.97 -2.25 7.20
C GLU A 449 25.70 -1.90 7.97
N ARG A 450 25.74 -0.81 8.77
CA ARG A 450 24.59 -0.42 9.56
CA ARG A 450 24.58 -0.45 9.56
C ARG A 450 23.44 -0.04 8.64
N GLY A 451 23.73 0.69 7.57
CA GLY A 451 22.76 1.14 6.64
C GLY A 451 22.05 0.01 5.89
N MET A 452 22.80 -1.02 5.45
CA MET A 452 22.26 -2.17 4.72
C MET A 452 21.37 -3.03 5.63
N GLU A 453 21.69 -3.11 6.91
CA GLU A 453 20.82 -3.78 7.88
C GLU A 453 19.50 -3.01 7.98
N SER A 454 19.54 -1.67 8.00
CA SER A 454 18.35 -0.88 8.10
C SER A 454 17.45 -1.09 6.87
N LEU A 455 18.08 -1.04 5.68
CA LEU A 455 17.42 -1.13 4.39
C LEU A 455 16.68 -2.46 4.28
N LYS A 456 17.38 -3.56 4.58
CA LYS A 456 16.78 -4.92 4.55
C LYS A 456 15.56 -4.98 5.48
N ALA A 457 15.64 -4.35 6.65
CA ALA A 457 14.55 -4.44 7.58
C ALA A 457 13.41 -3.55 7.10
N MET A 458 13.70 -2.38 6.51
CA MET A 458 12.64 -1.37 6.25
C MET A 458 12.06 -1.42 4.82
N LEU A 459 12.68 -2.18 3.92
CA LEU A 459 12.18 -2.23 2.56
C LEU A 459 10.69 -2.54 2.52
N PRO A 460 10.14 -3.47 3.33
CA PRO A 460 8.73 -3.82 3.22
C PRO A 460 7.79 -2.65 3.50
N LEU A 461 8.25 -1.65 4.26
CA LEU A 461 7.39 -0.51 4.56
C LEU A 461 7.15 0.35 3.32
N TYR A 462 7.96 0.16 2.28
CA TYR A 462 7.83 0.95 1.08
C TYR A 462 7.02 0.22 0.00
N ASP A 463 6.51 -1.00 0.30
CA ASP A 463 5.93 -1.85 -0.70
C ASP A 463 4.43 -1.83 -0.51
N THR A 464 3.69 -1.31 -1.50
CA THR A 464 2.24 -1.15 -1.42
C THR A 464 1.49 -2.39 -1.88
N GLY A 465 2.22 -3.35 -2.42
CA GLY A 465 1.57 -4.46 -3.07
C GLY A 465 1.26 -4.22 -4.56
N SER A 466 1.44 -2.98 -5.05
CA SER A 466 1.32 -2.70 -6.50
C SER A 466 2.11 -1.46 -6.92
N GLY A 467 3.18 -1.17 -6.19
CA GLY A 467 3.99 0.00 -6.34
C GLY A 467 4.87 0.13 -5.13
N THR A 468 5.55 1.26 -5.05
CA THR A 468 6.32 1.61 -3.88
C THR A 468 5.95 3.02 -3.47
N ILE A 469 6.23 3.29 -2.20
CA ILE A 469 6.09 4.60 -1.61
C ILE A 469 7.46 5.29 -1.71
N TYR A 470 7.48 6.62 -1.83
CA TYR A 470 8.68 7.38 -2.05
C TYR A 470 9.46 7.59 -0.74
N ASP A 471 8.71 7.74 0.36
CA ASP A 471 9.23 8.11 1.67
C ASP A 471 8.25 7.60 2.75
N LEU A 472 8.49 7.86 4.02
CA LEU A 472 7.63 7.37 5.07
C LEU A 472 6.86 8.52 5.71
N ARG A 473 6.57 9.59 4.95
CA ARG A 473 5.90 10.70 5.59
C ARG A 473 4.49 10.28 6.02
N HIS A 474 3.88 9.26 5.40
CA HIS A 474 2.54 8.80 5.91
C HIS A 474 2.58 8.39 7.39
N PHE A 475 3.63 7.66 7.78
CA PHE A 475 3.83 7.21 9.12
C PHE A 475 4.30 8.35 10.03
N MET A 476 5.17 9.20 9.51
CA MET A 476 5.78 10.22 10.36
C MET A 476 4.86 11.43 10.57
N LEU A 477 3.92 11.66 9.65
CA LEU A 477 3.05 12.82 9.77
C LEU A 477 1.59 12.44 9.96
N GLY A 478 1.23 11.17 9.82
CA GLY A 478 -0.16 10.69 9.95
C GLY A 478 -1.03 11.07 8.76
N ILE A 479 -0.52 10.91 7.54
CA ILE A 479 -1.20 11.36 6.33
C ILE A 479 -1.16 10.25 5.27
N ALA A 480 -1.74 10.57 4.12
CA ALA A 480 -1.75 9.67 2.99
C ALA A 480 -0.33 9.35 2.58
N PRO A 481 -0.12 8.14 2.01
CA PRO A 481 1.15 7.77 1.41
C PRO A 481 1.55 8.66 0.22
N ASN A 482 2.83 9.00 0.12
CA ASN A 482 3.41 9.73 -0.98
C ASN A 482 3.94 8.68 -1.95
N LEU A 483 3.05 8.13 -2.79
CA LEU A 483 3.39 7.06 -3.69
C LEU A 483 4.42 7.56 -4.70
N ALA A 484 5.27 6.64 -5.12
CA ALA A 484 6.34 6.89 -6.04
C ALA A 484 5.78 6.80 -7.45
N ARG A 485 5.96 7.84 -8.28
CA ARG A 485 5.64 7.74 -9.69
C ARG A 485 6.51 6.63 -10.27
N TRP A 486 6.08 6.10 -11.40
CA TRP A 486 6.72 4.92 -12.04
C TRP A 486 8.24 5.07 -12.28
N ASP A 487 8.70 6.29 -12.64
CA ASP A 487 10.13 6.54 -12.89
C ASP A 487 10.91 6.48 -11.57
N TYR A 488 10.33 6.85 -10.44
CA TYR A 488 11.00 6.66 -9.15
C TYR A 488 10.95 5.20 -8.75
N HIS A 489 9.88 4.49 -9.16
CA HIS A 489 9.76 3.09 -8.82
C HIS A 489 10.84 2.29 -9.54
N THR A 490 11.07 2.65 -10.79
CA THR A 490 12.11 2.06 -11.65
C THR A 490 13.50 2.35 -11.03
N THR A 491 13.67 3.56 -10.48
CA THR A 491 14.90 3.87 -9.81
C THR A 491 15.10 2.93 -8.63
N HIS A 492 14.03 2.68 -7.85
CA HIS A 492 14.09 1.75 -6.71
C HIS A 492 14.58 0.40 -7.18
N ILE A 493 13.98 -0.10 -8.25
CA ILE A 493 14.39 -1.40 -8.82
C ILE A 493 15.87 -1.35 -9.26
N ASN A 494 16.26 -0.32 -10.03
CA ASN A 494 17.63 -0.22 -10.48
C ASN A 494 18.61 -0.25 -9.31
N GLN A 495 18.28 0.45 -8.22
CA GLN A 495 19.09 0.50 -7.00
C GLN A 495 19.23 -0.88 -6.35
N LEU A 496 18.13 -1.60 -6.27
CA LEU A 496 18.10 -2.90 -5.56
C LEU A 496 18.78 -3.95 -6.44
N GLN A 497 18.60 -3.84 -7.75
CA GLN A 497 19.28 -4.71 -8.76
C GLN A 497 20.81 -4.56 -8.59
N LEU A 498 21.28 -3.32 -8.46
CA LEU A 498 22.70 -3.00 -8.19
C LEU A 498 23.15 -3.63 -6.86
N LEU A 499 22.43 -3.32 -5.78
CA LEU A 499 22.82 -3.86 -4.43
C LEU A 499 22.87 -5.38 -4.50
N SER A 500 21.95 -5.98 -5.24
CA SER A 500 21.85 -7.42 -5.32
C SER A 500 23.11 -8.06 -5.96
N THR A 501 23.94 -7.28 -6.66
CA THR A 501 25.17 -7.83 -7.25
C THR A 501 26.40 -7.63 -6.33
N ILE A 502 26.26 -6.91 -5.22
CA ILE A 502 27.37 -6.67 -4.29
C ILE A 502 27.04 -7.20 -2.89
N ASP A 503 25.81 -7.67 -2.67
CA ASP A 503 25.38 -8.27 -1.43
C ASP A 503 24.49 -9.44 -1.80
N GLU A 504 24.81 -10.63 -1.29
CA GLU A 504 24.16 -11.85 -1.75
C GLU A 504 22.85 -12.10 -0.98
N SER A 505 22.34 -11.11 -0.25
CA SER A 505 21.10 -11.31 0.53
C SER A 505 19.93 -11.70 -0.35
N PRO A 506 19.22 -12.80 -0.02
CA PRO A 506 17.98 -13.15 -0.71
C PRO A 506 16.95 -12.01 -0.76
N VAL A 507 16.90 -11.13 0.25
CA VAL A 507 15.83 -10.14 0.32
C VAL A 507 15.91 -9.17 -0.87
N PHE A 508 17.10 -8.84 -1.33
CA PHE A 508 17.24 -7.95 -2.44
C PHE A 508 16.69 -8.57 -3.71
N LYS A 509 17.01 -9.83 -3.98
CA LYS A 509 16.56 -10.54 -5.18
C LYS A 509 15.02 -10.68 -5.18
N GLU A 510 14.41 -11.00 -4.04
CA GLU A 510 12.97 -11.18 -3.92
C GLU A 510 12.27 -9.85 -4.23
N PHE A 511 12.76 -8.76 -3.64
CA PHE A 511 12.13 -7.48 -3.81
C PHE A 511 12.29 -6.99 -5.26
N VAL A 512 13.45 -7.21 -5.86
CA VAL A 512 13.64 -6.82 -7.24
C VAL A 512 12.59 -7.51 -8.13
N LYS A 513 12.41 -8.81 -7.96
CA LYS A 513 11.53 -9.58 -8.77
C LYS A 513 10.08 -9.09 -8.60
N ARG A 514 9.64 -8.93 -7.34
CA ARG A 514 8.28 -8.48 -7.09
C ARG A 514 8.08 -7.07 -7.64
N TRP A 515 9.04 -6.16 -7.38
CA TRP A 515 8.91 -4.76 -7.80
C TRP A 515 8.94 -4.63 -9.35
N LYS A 516 9.64 -5.53 -10.02
CA LYS A 516 9.63 -5.57 -11.46
C LYS A 516 8.22 -5.95 -11.94
N SER A 517 7.62 -6.91 -11.27
CA SER A 517 6.34 -7.43 -11.69
C SER A 517 5.28 -6.32 -11.57
N TYR A 518 5.45 -5.39 -10.62
CA TYR A 518 4.44 -4.36 -10.41
C TYR A 518 4.35 -3.46 -11.63
N LEU A 519 5.48 -3.32 -12.32
CA LEU A 519 5.68 -2.45 -13.50
C LEU A 519 4.92 -2.99 -14.71
N LYS A 520 4.61 -4.28 -14.70
CA LYS A 520 3.84 -5.03 -15.69
C LYS A 520 2.45 -5.43 -15.14
N GLY A 521 1.96 -4.74 -14.13
CA GLY A 521 0.61 -4.86 -13.61
C GLY A 521 0.38 -5.95 -12.57
N SER A 522 1.36 -6.80 -12.25
CA SER A 522 1.18 -7.78 -11.18
C SER A 522 0.92 -7.05 -9.85
N ARG A 523 0.17 -7.73 -8.96
CA ARG A 523 -0.21 -7.25 -7.61
C ARG A 523 0.17 -8.33 -6.59
N ALA A 524 0.46 -7.93 -5.35
CA ALA A 524 0.50 -8.90 -4.25
C ALA A 524 -0.89 -9.54 -4.12
N LYS A 525 -0.91 -10.81 -3.69
CA LYS A 525 -2.20 -11.52 -3.37
C LYS A 525 -2.95 -10.81 -2.24
N HIS A 526 -4.28 -10.75 -2.38
CA HIS A 526 -5.13 -10.34 -1.26
C HIS A 526 -5.60 -11.60 -0.54
N ASN A 527 -6.14 -11.45 0.66
CA ASN A 527 -6.56 -12.60 1.47
C ASN A 527 -8.02 -12.93 1.15
N LEU B 12 -14.23 5.06 -40.49
CA LEU B 12 -14.21 4.32 -39.18
C LEU B 12 -15.39 3.32 -39.13
N LYS B 13 -15.06 2.02 -39.03
CA LYS B 13 -16.05 0.98 -38.82
C LYS B 13 -15.49 -0.01 -37.79
N TYR B 14 -16.34 -0.47 -36.88
CA TYR B 14 -16.00 -1.51 -35.92
C TYR B 14 -15.23 -2.64 -36.62
N GLU B 15 -14.01 -2.87 -36.13
CA GLU B 15 -13.10 -3.80 -36.70
C GLU B 15 -12.33 -4.45 -35.54
N GLU B 16 -11.93 -5.71 -35.72
CA GLU B 16 -11.01 -6.33 -34.81
C GLU B 16 -9.65 -5.61 -34.85
N ILE B 17 -9.01 -5.50 -33.69
CA ILE B 17 -7.60 -5.11 -33.62
C ILE B 17 -6.90 -5.96 -32.55
N ASP B 18 -5.68 -6.43 -32.86
CA ASP B 18 -4.82 -7.06 -31.85
C ASP B 18 -4.35 -6.02 -30.83
N CYS B 19 -4.33 -6.43 -29.57
CA CYS B 19 -3.93 -5.62 -28.48
C CYS B 19 -2.84 -6.33 -27.70
N LEU B 20 -1.60 -5.88 -27.86
CA LEU B 20 -0.44 -6.42 -27.11
C LEU B 20 -0.44 -5.86 -25.71
N ILE B 21 -0.37 -6.75 -24.72
CA ILE B 21 -0.39 -6.39 -23.29
C ILE B 21 1.00 -6.59 -22.67
N ASN B 22 1.65 -5.46 -22.32
CA ASN B 22 3.00 -5.39 -21.67
C ASN B 22 4.03 -6.20 -22.47
N ASP B 23 3.95 -6.16 -23.77
CA ASP B 23 4.86 -6.86 -24.66
C ASP B 23 4.88 -8.37 -24.42
N GLU B 24 3.83 -9.00 -23.87
CA GLU B 24 3.98 -10.46 -23.66
C GLU B 24 2.78 -11.26 -24.14
N HIS B 25 1.56 -10.79 -24.05
CA HIS B 25 0.39 -11.55 -24.49
C HIS B 25 -0.40 -10.67 -25.45
N THR B 26 -1.00 -11.25 -26.50
CA THR B 26 -1.92 -10.48 -27.38
C THR B 26 -3.38 -10.87 -27.09
N ILE B 27 -4.26 -9.88 -26.86
CA ILE B 27 -5.69 -10.11 -26.77
C ILE B 27 -6.39 -9.47 -27.96
N LYS B 28 -7.65 -9.84 -28.18
CA LYS B 28 -8.50 -9.33 -29.28
C LYS B 28 -9.39 -8.20 -28.79
N GLY B 29 -9.18 -6.99 -29.31
CA GLY B 29 -10.05 -5.87 -29.04
C GLY B 29 -10.77 -5.43 -30.28
N ARG B 30 -11.40 -4.26 -30.18
CA ARG B 30 -12.14 -3.71 -31.31
C ARG B 30 -11.63 -2.29 -31.54
N ARG B 31 -11.84 -1.76 -32.74
CA ARG B 31 -11.43 -0.42 -33.07
C ARG B 31 -12.49 0.26 -33.97
N GLU B 32 -12.76 1.54 -33.70
CA GLU B 32 -13.56 2.41 -34.54
C GLU B 32 -12.81 3.74 -34.65
N GLY B 33 -12.13 3.92 -35.76
CA GLY B 33 -11.30 5.09 -36.01
C GLY B 33 -10.12 5.11 -35.08
N ASN B 34 -10.13 6.09 -34.17
CA ASN B 34 -9.09 6.25 -33.17
C ASN B 34 -9.41 5.49 -31.88
N GLU B 35 -10.70 5.25 -31.60
CA GLU B 35 -11.12 4.68 -30.32
C GLU B 35 -10.86 3.16 -30.37
N VAL B 36 -10.08 2.66 -29.39
CA VAL B 36 -9.83 1.21 -29.15
C VAL B 36 -10.67 0.75 -27.96
N PHE B 37 -11.26 -0.43 -28.09
CA PHE B 37 -12.13 -0.95 -27.08
C PHE B 37 -11.61 -2.30 -26.61
N LEU B 38 -11.46 -2.46 -25.29
CA LEU B 38 -10.82 -3.65 -24.74
C LEU B 38 -11.87 -4.56 -24.14
N PRO B 39 -11.75 -5.88 -24.30
CA PRO B 39 -12.71 -6.79 -23.69
C PRO B 39 -12.67 -6.74 -22.15
N PHE B 40 -13.86 -6.71 -21.54
CA PHE B 40 -13.97 -6.72 -20.12
C PHE B 40 -13.45 -8.04 -19.51
N THR B 41 -13.50 -9.12 -20.26
CA THR B 41 -12.88 -10.35 -19.79
C THR B 41 -11.43 -10.10 -19.38
N TRP B 42 -10.72 -9.25 -20.13
CA TRP B 42 -9.37 -8.94 -19.79
C TRP B 42 -9.36 -7.92 -18.66
N VAL B 43 -10.14 -6.85 -18.81
CA VAL B 43 -10.11 -5.77 -17.84
C VAL B 43 -10.35 -6.30 -16.43
N GLU B 44 -11.36 -7.15 -16.30
CA GLU B 44 -11.78 -7.74 -15.04
C GLU B 44 -10.64 -8.47 -14.33
N LYS B 45 -9.95 -9.34 -15.03
CA LYS B 45 -8.90 -10.14 -14.45
C LYS B 45 -7.61 -9.31 -14.25
N TYR B 46 -7.24 -8.48 -15.21
CA TYR B 46 -5.98 -7.78 -15.14
C TYR B 46 -5.97 -6.72 -14.02
N PHE B 47 -7.07 -5.98 -13.84
CA PHE B 47 -7.13 -4.96 -12.84
C PHE B 47 -7.89 -5.47 -11.60
N ASP B 48 -8.44 -6.69 -11.66
CA ASP B 48 -9.12 -7.34 -10.53
C ASP B 48 -10.30 -6.48 -10.06
N VAL B 49 -11.24 -6.27 -10.97
CA VAL B 49 -12.44 -5.48 -10.74
C VAL B 49 -13.69 -6.29 -11.09
N TYR B 50 -14.85 -5.64 -11.10
CA TYR B 50 -16.14 -6.34 -11.11
C TYR B 50 -17.10 -5.64 -12.06
N GLY B 51 -17.90 -6.44 -12.76
CA GLY B 51 -18.99 -5.91 -13.49
C GLY B 51 -19.84 -7.02 -14.05
N LYS B 52 -20.99 -6.64 -14.60
CA LYS B 52 -21.92 -7.57 -15.21
C LYS B 52 -22.99 -6.80 -15.97
N VAL B 53 -23.60 -7.51 -16.92
CA VAL B 53 -24.76 -7.03 -17.66
C VAL B 53 -26.00 -7.26 -16.77
N VAL B 54 -26.77 -6.19 -16.53
CA VAL B 54 -27.96 -6.35 -15.78
C VAL B 54 -29.14 -5.97 -16.70
N GLN B 55 -30.15 -6.85 -16.64
CA GLN B 55 -31.43 -6.82 -17.42
C GLN B 55 -32.43 -5.93 -16.68
N TYR B 56 -32.86 -4.85 -17.34
CA TYR B 56 -34.05 -4.05 -17.02
C TYR B 56 -35.10 -4.32 -18.11
N ASP B 57 -36.32 -3.84 -17.89
CA ASP B 57 -37.44 -4.00 -18.82
C ASP B 57 -37.08 -3.48 -20.22
N GLY B 58 -36.84 -4.39 -21.17
CA GLY B 58 -36.47 -4.06 -22.58
C GLY B 58 -35.22 -3.19 -22.72
N TYR B 59 -34.24 -3.33 -21.80
CA TYR B 59 -33.10 -2.40 -21.72
C TYR B 59 -31.94 -3.01 -20.92
N ASP B 60 -30.84 -3.35 -21.59
CA ASP B 60 -29.62 -3.85 -20.95
C ASP B 60 -28.67 -2.71 -20.55
N ARG B 61 -27.93 -2.92 -19.45
CA ARG B 61 -26.88 -1.98 -19.02
C ARG B 61 -25.74 -2.76 -18.37
N PHE B 62 -24.52 -2.46 -18.77
CA PHE B 62 -23.37 -3.00 -18.08
C PHE B 62 -23.10 -2.13 -16.83
N GLU B 63 -22.80 -2.77 -15.69
CA GLU B 63 -22.58 -2.08 -14.41
C GLU B 63 -21.24 -2.52 -13.82
N PHE B 64 -20.35 -1.53 -13.71
CA PHE B 64 -18.98 -1.73 -13.32
C PHE B 64 -18.79 -1.32 -11.87
N SER B 65 -18.05 -2.12 -11.11
CA SER B 65 -17.65 -1.76 -9.74
C SER B 65 -16.16 -1.99 -9.56
N HIS B 66 -15.49 -1.05 -8.90
CA HIS B 66 -14.10 -1.21 -8.51
C HIS B 66 -13.98 -2.30 -7.45
N SER B 67 -14.97 -2.38 -6.56
CA SER B 67 -14.96 -3.25 -5.35
C SER B 67 -16.30 -3.95 -5.17
N TYR B 68 -16.44 -4.74 -4.12
CA TYR B 68 -17.71 -5.45 -3.97
C TYR B 68 -18.31 -5.26 -2.59
N SER B 69 -17.59 -4.79 -1.60
CA SER B 69 -18.31 -4.74 -0.38
C SER B 69 -19.04 -3.40 -0.34
N LYS B 70 -19.83 -3.14 0.71
CA LYS B 70 -20.39 -1.80 0.98
C LYS B 70 -20.12 -1.42 2.44
N VAL B 71 -19.98 -0.13 2.72
CA VAL B 71 -19.88 0.39 4.04
C VAL B 71 -21.26 0.43 4.68
N TYR B 72 -21.35 0.04 5.95
CA TYR B 72 -22.54 0.15 6.74
C TYR B 72 -22.86 1.63 6.97
N ALA B 73 -24.15 1.96 6.82
CA ALA B 73 -24.68 3.29 7.05
C ALA B 73 -24.95 3.48 8.54
N GLN B 74 -23.95 4.02 9.22
CA GLN B 74 -24.05 4.25 10.65
C GLN B 74 -25.08 5.36 10.82
N ARG B 75 -25.99 5.19 11.78
CA ARG B 75 -27.14 6.10 11.96
C ARG B 75 -26.87 7.13 13.06
N ALA B 76 -26.12 6.73 14.10
CA ALA B 76 -26.02 7.43 15.33
C ALA B 76 -24.66 7.15 15.95
N PRO B 77 -24.17 7.97 16.90
CA PRO B 77 -22.93 7.67 17.59
C PRO B 77 -23.09 6.38 18.39
N TYR B 78 -22.00 5.65 18.49
CA TYR B 78 -21.95 4.35 19.10
C TYR B 78 -22.07 4.54 20.60
N HIS B 79 -22.75 3.56 21.22
CA HIS B 79 -22.91 3.48 22.65
C HIS B 79 -23.04 2.00 23.00
N PRO B 80 -22.51 1.56 24.15
CA PRO B 80 -22.44 0.14 24.50
C PRO B 80 -23.77 -0.63 24.52
N ASP B 81 -24.90 0.04 24.79
CA ASP B 81 -26.22 -0.70 24.86
C ASP B 81 -26.97 -0.65 23.51
N GLY B 82 -26.39 0.02 22.51
CA GLY B 82 -26.94 0.08 21.18
C GLY B 82 -26.44 -1.07 20.33
N VAL B 83 -26.80 -1.01 19.05
CA VAL B 83 -26.40 -1.96 18.09
C VAL B 83 -24.89 -2.01 18.07
N PHE B 84 -24.36 -3.19 17.70
CA PHE B 84 -22.96 -3.40 17.62
C PHE B 84 -22.49 -3.21 16.17
N MET B 85 -21.93 -2.03 15.91
CA MET B 85 -21.45 -1.66 14.59
C MET B 85 -22.50 -2.05 13.52
N SER B 86 -22.13 -2.92 12.58
CA SER B 86 -22.90 -3.30 11.42
C SER B 86 -23.68 -4.61 11.61
N PHE B 87 -23.69 -5.17 12.84
CA PHE B 87 -24.03 -6.59 13.01
C PHE B 87 -25.53 -6.86 12.89
N GLU B 88 -26.37 -5.82 12.90
CA GLU B 88 -27.80 -5.97 12.53
C GLU B 88 -27.97 -6.71 11.18
N GLY B 89 -26.97 -6.60 10.29
CA GLY B 89 -27.03 -7.20 8.92
C GLY B 89 -26.20 -8.47 8.77
N TYR B 90 -25.58 -8.96 9.85
CA TYR B 90 -24.93 -10.25 9.82
C TYR B 90 -25.99 -11.35 10.01
N ASN B 91 -25.71 -12.49 9.40
CA ASN B 91 -26.51 -13.67 9.62
C ASN B 91 -25.53 -14.82 9.85
N VAL B 92 -25.18 -15.05 11.11
CA VAL B 92 -24.14 -15.95 11.49
C VAL B 92 -24.59 -17.40 11.17
N GLU B 93 -25.82 -17.76 11.57
CA GLU B 93 -26.26 -19.14 11.53
C GLU B 93 -26.28 -19.67 10.07
N VAL B 94 -26.53 -18.85 9.05
CA VAL B 94 -26.51 -19.35 7.63
C VAL B 94 -25.07 -19.54 7.11
N ARG B 95 -24.05 -18.99 7.77
CA ARG B 95 -22.67 -19.18 7.32
C ARG B 95 -22.43 -20.70 7.22
N ASP B 96 -21.69 -21.10 6.19
CA ASP B 96 -21.42 -22.53 5.93
C ASP B 96 -20.41 -23.09 6.96
N ARG B 97 -19.68 -22.23 7.68
CA ARG B 97 -18.73 -22.66 8.72
C ARG B 97 -19.44 -23.00 10.04
N VAL B 98 -20.73 -22.63 10.17
CA VAL B 98 -21.56 -23.03 11.28
C VAL B 98 -22.20 -24.37 10.95
N LYS B 99 -21.79 -25.43 11.65
CA LYS B 99 -22.25 -26.77 11.35
C LYS B 99 -23.69 -26.95 11.85
N CYS B 100 -24.03 -26.27 12.94
CA CYS B 100 -25.35 -26.26 13.49
C CYS B 100 -25.37 -25.38 14.73
N ILE B 101 -26.58 -25.15 15.25
CA ILE B 101 -26.77 -24.61 16.54
C ILE B 101 -26.91 -25.80 17.50
N SER B 102 -25.95 -25.89 18.43
CA SER B 102 -25.87 -26.96 19.40
C SER B 102 -27.20 -27.11 20.14
N GLY B 103 -27.68 -28.33 20.21
CA GLY B 103 -28.83 -28.66 21.03
C GLY B 103 -28.57 -28.43 22.50
N VAL B 104 -27.35 -28.73 22.97
CA VAL B 104 -26.99 -28.65 24.41
C VAL B 104 -26.81 -27.17 24.78
N GLU B 105 -25.99 -26.44 24.01
CA GLU B 105 -25.51 -25.12 24.37
C GLU B 105 -26.35 -23.99 23.76
N GLY B 106 -27.15 -24.26 22.73
CA GLY B 106 -27.97 -23.22 22.08
C GLY B 106 -27.13 -22.13 21.39
N VAL B 107 -25.89 -22.46 20.98
CA VAL B 107 -25.07 -21.53 20.24
C VAL B 107 -24.38 -22.25 19.10
N PRO B 108 -23.78 -21.51 18.13
CA PRO B 108 -23.09 -22.12 17.00
C PRO B 108 -21.91 -23.03 17.37
N LEU B 109 -21.85 -24.18 16.72
CA LEU B 109 -20.69 -25.03 16.64
C LEU B 109 -20.10 -24.82 15.26
N SER B 110 -18.84 -24.35 15.20
CA SER B 110 -18.21 -23.91 13.94
C SER B 110 -17.19 -24.95 13.43
N THR B 111 -16.79 -24.82 12.17
CA THR B 111 -15.85 -25.75 11.54
C THR B 111 -14.79 -24.97 10.75
N GLN B 112 -14.44 -23.79 11.23
CA GLN B 112 -13.71 -22.78 10.43
C GLN B 112 -12.39 -23.36 9.87
N TRP B 113 -11.64 -24.11 10.69
CA TRP B 113 -10.29 -24.54 10.27
C TRP B 113 -10.19 -26.06 10.15
N GLY B 114 -10.98 -26.80 10.93
CA GLY B 114 -11.01 -28.26 10.84
C GLY B 114 -12.44 -28.81 10.79
N PRO B 115 -12.68 -29.95 10.11
CA PRO B 115 -14.04 -30.48 9.95
C PRO B 115 -14.73 -31.00 11.22
N GLN B 116 -14.00 -31.08 12.35
CA GLN B 116 -14.46 -31.80 13.55
C GLN B 116 -15.64 -31.06 14.23
N GLY B 117 -15.63 -29.73 14.24
CA GLY B 117 -16.66 -28.94 14.89
C GLY B 117 -16.30 -28.63 16.34
N TYR B 118 -16.09 -27.35 16.64
CA TYR B 118 -15.67 -26.88 17.96
C TYR B 118 -16.43 -25.59 18.27
N PHE B 119 -16.60 -25.27 19.56
CA PHE B 119 -17.16 -24.02 19.94
C PHE B 119 -16.12 -22.91 19.81
N TYR B 120 -16.19 -22.12 18.73
CA TYR B 120 -15.26 -21.01 18.48
C TYR B 120 -15.84 -19.75 19.12
N PRO B 121 -15.20 -19.15 20.14
CA PRO B 121 -15.78 -18.00 20.80
C PRO B 121 -16.20 -16.82 19.92
N ILE B 122 -15.47 -16.55 18.84
CA ILE B 122 -15.79 -15.39 18.03
C ILE B 122 -17.17 -15.63 17.41
N GLN B 123 -17.41 -16.83 16.86
CA GLN B 123 -18.61 -17.07 16.15
C GLN B 123 -19.75 -16.94 17.15
N ILE B 124 -19.53 -17.39 18.39
CA ILE B 124 -20.58 -17.38 19.41
C ILE B 124 -20.86 -15.93 19.83
N ALA B 125 -19.83 -15.12 19.98
CA ALA B 125 -20.04 -13.73 20.39
C ALA B 125 -20.80 -12.98 19.29
N GLN B 126 -20.43 -13.25 18.04
CA GLN B 126 -21.03 -12.60 16.88
C GLN B 126 -22.48 -13.05 16.75
N TYR B 127 -22.76 -14.34 17.01
CA TYR B 127 -24.12 -14.84 17.09
C TYR B 127 -24.90 -13.96 18.07
N GLY B 128 -24.33 -13.72 19.24
CA GLY B 128 -25.04 -12.96 20.22
C GLY B 128 -25.19 -11.51 19.85
N LEU B 129 -24.09 -10.86 19.50
CA LEU B 129 -24.11 -9.43 19.13
C LEU B 129 -25.03 -9.16 17.94
N SER B 130 -25.05 -10.04 16.94
CA SER B 130 -25.91 -9.84 15.78
CA SER B 130 -25.92 -9.92 15.77
C SER B 130 -27.39 -9.94 16.21
N HIS B 131 -27.74 -10.95 16.98
CA HIS B 131 -29.12 -11.05 17.49
C HIS B 131 -29.45 -9.85 18.41
N TYR B 132 -28.50 -9.42 19.26
CA TYR B 132 -28.73 -8.26 20.09
C TYR B 132 -29.11 -7.08 19.19
N SER B 133 -28.41 -6.94 18.05
CA SER B 133 -28.55 -5.75 17.22
C SER B 133 -29.86 -5.82 16.44
N LYS B 134 -30.19 -7.01 15.94
CA LYS B 134 -31.47 -7.22 15.29
C LYS B 134 -32.63 -6.94 16.26
N ASN B 135 -32.44 -7.22 17.55
CA ASN B 135 -33.49 -6.98 18.49
C ASN B 135 -33.87 -5.50 18.49
N LEU B 136 -32.88 -4.65 18.24
CA LEU B 136 -33.05 -3.17 18.30
C LEU B 136 -33.56 -2.61 16.97
N THR B 137 -33.48 -3.35 15.87
CA THR B 137 -33.77 -2.75 14.55
C THR B 137 -34.96 -3.43 13.82
N GLU B 138 -35.25 -4.70 14.10
CA GLU B 138 -36.31 -5.45 13.41
C GLU B 138 -37.65 -5.15 14.07
N LYS B 139 -38.73 -5.46 13.34
CA LYS B 139 -40.11 -5.33 13.87
C LYS B 139 -40.34 -6.37 14.96
N PRO B 140 -41.12 -6.09 16.04
CA PRO B 140 -41.37 -7.10 17.05
C PRO B 140 -41.92 -8.38 16.43
N PRO B 141 -41.51 -9.56 16.92
CA PRO B 141 -42.02 -10.82 16.38
C PRO B 141 -43.49 -11.11 16.73
N HIS B 142 -44.20 -11.79 15.82
CA HIS B 142 -45.46 -12.37 16.15
C HIS B 142 -45.16 -13.58 17.03
N ILE B 143 -45.93 -13.73 18.12
CA ILE B 143 -45.81 -14.80 19.07
C ILE B 143 -47.19 -15.47 19.19
N GLU B 144 -47.26 -16.74 18.80
CA GLU B 144 -48.45 -17.57 18.91
C GLU B 144 -48.28 -18.54 20.09
N VAL B 145 -49.17 -18.47 21.07
CA VAL B 145 -49.12 -19.34 22.25
C VAL B 145 -50.10 -20.50 22.05
N TYR B 146 -49.59 -21.73 22.17
CA TYR B 146 -50.40 -22.95 21.97
C TYR B 146 -50.72 -23.66 23.29
N GLU B 147 -49.93 -23.45 24.36
CA GLU B 147 -50.26 -24.08 25.66
C GLU B 147 -49.63 -23.34 26.84
N THR B 148 -50.48 -22.87 27.77
CA THR B 148 -50.07 -22.30 29.07
C THR B 148 -50.46 -23.25 30.22
N ALA B 149 -51.57 -23.98 30.03
CA ALA B 149 -52.07 -25.01 30.94
C ALA B 149 -52.93 -24.40 32.06
N GLU B 150 -53.30 -23.12 31.95
CA GLU B 150 -54.03 -22.38 33.02
C GLU B 150 -55.54 -22.63 32.85
N ASP B 151 -56.36 -21.58 33.07
CA ASP B 151 -57.80 -21.63 32.76
C ASP B 151 -58.14 -20.73 31.55
N ARG B 152 -57.13 -20.06 30.97
CA ARG B 152 -57.23 -19.35 29.68
C ARG B 152 -57.59 -20.36 28.58
N ASP B 153 -57.06 -21.60 28.70
CA ASP B 153 -57.27 -22.71 27.74
C ASP B 153 -58.60 -23.42 28.04
N LYS B 154 -59.71 -22.75 27.67
CA LYS B 154 -61.07 -23.32 27.69
C LYS B 154 -61.56 -23.55 26.26
N ASN B 155 -61.53 -22.48 25.44
CA ASN B 155 -61.80 -22.55 23.97
C ASN B 155 -60.59 -23.18 23.27
N LYS B 156 -60.66 -23.36 21.94
CA LYS B 156 -59.54 -23.89 21.11
C LYS B 156 -58.37 -22.89 21.12
N PRO B 157 -57.11 -23.36 21.17
CA PRO B 157 -56.68 -24.72 20.85
C PRO B 157 -56.61 -25.73 22.01
N ASN B 158 -57.20 -26.92 21.77
CA ASN B 158 -57.09 -28.10 22.66
C ASN B 158 -56.05 -29.05 22.06
N ASP B 159 -56.46 -29.89 21.10
CA ASP B 159 -55.61 -30.40 19.98
C ASP B 159 -54.60 -31.49 20.36
N TRP B 160 -54.60 -32.02 21.60
CA TRP B 160 -53.71 -33.14 21.91
C TRP B 160 -54.36 -34.45 21.46
N THR B 161 -53.53 -35.35 20.91
CA THR B 161 -53.85 -36.72 20.60
C THR B 161 -53.06 -37.59 21.57
N VAL B 162 -53.77 -38.28 22.46
CA VAL B 162 -53.16 -39.11 23.50
C VAL B 162 -53.56 -40.56 23.22
N PRO B 163 -52.73 -41.33 22.45
CA PRO B 163 -53.09 -42.68 22.02
C PRO B 163 -53.01 -43.73 23.13
N LYS B 164 -53.36 -44.98 22.82
CA LYS B 164 -53.37 -46.08 23.80
C LYS B 164 -51.97 -46.22 24.43
N GLY B 165 -51.93 -46.45 25.75
CA GLY B 165 -50.69 -46.55 26.51
C GLY B 165 -50.27 -45.22 27.13
N CYS B 166 -50.72 -44.09 26.56
CA CYS B 166 -50.28 -42.75 26.95
C CYS B 166 -51.34 -42.06 27.83
N PHE B 167 -50.88 -41.08 28.61
CA PHE B 167 -51.70 -40.29 29.52
C PHE B 167 -51.20 -38.86 29.48
N MET B 168 -52.07 -37.90 29.83
CA MET B 168 -51.72 -36.48 29.99
C MET B 168 -52.61 -35.86 31.07
N ALA B 169 -52.15 -34.76 31.68
CA ALA B 169 -52.88 -34.07 32.75
C ALA B 169 -52.28 -32.67 32.97
N ASN B 170 -53.13 -31.69 33.33
CA ASN B 170 -52.66 -30.41 33.87
C ASN B 170 -52.31 -30.61 35.34
N VAL B 171 -51.22 -29.99 35.80
CA VAL B 171 -50.71 -30.24 37.14
C VAL B 171 -50.06 -28.94 37.64
N ALA B 172 -50.23 -28.63 38.93
CA ALA B 172 -49.50 -27.51 39.55
C ALA B 172 -48.01 -27.88 39.63
N ASP B 173 -47.16 -26.86 39.58
CA ASP B 173 -45.73 -27.00 39.78
C ASP B 173 -45.31 -25.86 40.72
N LYS B 174 -45.20 -26.21 42.01
CA LYS B 174 -44.80 -25.28 43.07
C LYS B 174 -43.44 -24.64 42.73
N SER B 175 -42.52 -25.41 42.13
CA SER B 175 -41.11 -24.98 41.78
C SER B 175 -41.11 -23.64 41.02
N ARG B 176 -42.14 -23.38 40.20
CA ARG B 176 -42.18 -22.11 39.45
C ARG B 176 -43.61 -21.64 39.15
N PHE B 177 -44.43 -21.66 40.22
CA PHE B 177 -45.66 -20.83 40.40
C PHE B 177 -46.55 -20.83 39.15
N THR B 178 -46.73 -22.00 38.51
CA THR B 178 -47.52 -22.08 37.28
C THR B 178 -48.13 -23.47 37.14
N ASN B 179 -49.06 -23.55 36.18
CA ASN B 179 -49.62 -24.80 35.72
C ASN B 179 -48.88 -25.21 34.43
N VAL B 180 -48.89 -26.53 34.22
CA VAL B 180 -47.92 -27.25 33.42
C VAL B 180 -48.64 -28.47 32.83
N LYS B 181 -48.24 -28.94 31.64
CA LYS B 181 -48.78 -30.16 31.10
C LYS B 181 -47.83 -31.33 31.35
N GLN B 182 -48.34 -32.33 32.06
CA GLN B 182 -47.58 -33.58 32.35
C GLN B 182 -47.92 -34.60 31.27
N PHE B 183 -46.92 -35.35 30.82
CA PHE B 183 -47.11 -36.35 29.78
C PHE B 183 -46.38 -37.63 30.18
N ILE B 184 -46.97 -38.77 29.79
CA ILE B 184 -46.33 -40.07 29.85
C ILE B 184 -46.59 -40.78 28.50
N ALA B 185 -45.50 -41.12 27.82
CA ALA B 185 -45.52 -41.89 26.60
C ALA B 185 -44.25 -42.74 26.56
N PRO B 186 -44.31 -44.07 26.34
CA PRO B 186 -43.08 -44.85 26.14
C PRO B 186 -42.44 -44.49 24.78
N GLU B 187 -41.12 -44.70 24.66
CA GLU B 187 -40.34 -44.25 23.50
C GLU B 187 -40.61 -45.13 22.27
N THR B 188 -41.18 -46.33 22.48
CA THR B 188 -41.58 -47.20 21.36
C THR B 188 -42.89 -46.71 20.72
N SER B 189 -43.68 -45.90 21.43
CA SER B 189 -45.00 -45.39 20.92
C SER B 189 -44.79 -44.25 19.92
N GLU B 190 -45.91 -43.82 19.32
CA GLU B 190 -45.98 -42.68 18.40
C GLU B 190 -45.91 -41.33 19.16
N GLY B 191 -45.91 -41.38 20.50
CA GLY B 191 -45.85 -40.20 21.36
C GLY B 191 -47.19 -39.49 21.46
N VAL B 192 -47.28 -38.45 22.31
CA VAL B 192 -48.46 -37.57 22.39
C VAL B 192 -48.19 -36.30 21.57
N SER B 193 -49.21 -35.80 20.89
CA SER B 193 -49.02 -34.94 19.76
C SER B 193 -49.98 -33.75 19.89
N LEU B 194 -49.42 -32.54 19.72
CA LEU B 194 -50.15 -31.29 19.75
C LEU B 194 -50.14 -30.69 18.33
N GLN B 195 -51.31 -30.53 17.73
CA GLN B 195 -51.43 -29.88 16.40
C GLN B 195 -51.13 -28.38 16.60
N LEU B 196 -50.35 -27.83 15.67
CA LEU B 196 -49.90 -26.45 15.67
C LEU B 196 -50.43 -25.76 14.41
N GLY B 197 -49.80 -25.99 13.26
CA GLY B 197 -50.27 -25.53 11.94
C GLY B 197 -49.89 -24.10 11.59
N ASN B 198 -48.69 -23.66 12.00
CA ASN B 198 -48.16 -22.31 11.74
C ASN B 198 -47.48 -22.31 10.36
N THR B 199 -47.90 -21.39 9.49
CA THR B 199 -47.45 -21.29 8.09
C THR B 199 -46.39 -20.20 7.90
N LYS B 200 -46.24 -19.32 8.92
CA LYS B 200 -45.57 -18.01 8.81
C LYS B 200 -44.32 -17.91 9.72
N ASP B 201 -44.42 -18.40 10.96
CA ASP B 201 -43.36 -18.31 11.97
C ASP B 201 -42.75 -19.70 12.27
N PHE B 202 -41.43 -19.76 12.49
CA PHE B 202 -40.69 -21.02 12.58
C PHE B 202 -39.71 -21.07 13.77
N ILE B 203 -39.87 -20.18 14.76
CA ILE B 203 -39.10 -20.34 15.99
C ILE B 203 -40.00 -21.00 17.03
N ILE B 204 -39.70 -22.24 17.38
CA ILE B 204 -40.50 -22.91 18.43
C ILE B 204 -39.78 -22.80 19.77
N SER B 205 -40.58 -22.59 20.81
CA SER B 205 -40.16 -22.35 22.16
C SER B 205 -41.10 -23.08 23.14
N PHE B 206 -40.53 -23.70 24.18
CA PHE B 206 -41.29 -24.40 25.22
C PHE B 206 -40.41 -24.61 26.46
N ASP B 207 -41.01 -24.46 27.65
CA ASP B 207 -40.38 -24.87 28.89
C ASP B 207 -40.51 -26.40 29.03
N LEU B 208 -39.44 -27.04 29.51
CA LEU B 208 -39.30 -28.50 29.51
C LEU B 208 -38.55 -28.96 30.76
N LYS B 209 -39.16 -29.94 31.44
CA LYS B 209 -38.48 -30.83 32.38
C LYS B 209 -38.90 -32.27 32.08
N PHE B 210 -37.89 -33.14 31.93
CA PHE B 210 -38.02 -34.57 31.76
C PHE B 210 -37.77 -35.28 33.11
N LEU B 211 -38.63 -36.25 33.45
CA LEU B 211 -38.39 -37.17 34.60
C LEU B 211 -37.49 -38.31 34.12
N THR B 212 -37.86 -38.91 32.98
CA THR B 212 -37.11 -40.00 32.38
C THR B 212 -36.56 -39.48 31.05
N ASN B 213 -35.76 -40.29 30.35
CA ASN B 213 -35.27 -40.00 28.99
C ASN B 213 -36.47 -39.73 28.06
N GLY B 214 -36.19 -39.11 26.91
CA GLY B 214 -37.22 -38.90 25.93
C GLY B 214 -36.83 -37.95 24.82
N SER B 215 -37.85 -37.42 24.16
CA SER B 215 -37.70 -36.60 22.95
C SER B 215 -38.89 -35.65 22.84
N VAL B 216 -38.64 -34.44 22.34
CA VAL B 216 -39.68 -33.57 21.84
C VAL B 216 -39.36 -33.36 20.35
N SER B 217 -40.35 -33.66 19.51
CA SER B 217 -40.15 -33.77 18.08
C SER B 217 -41.08 -32.78 17.38
N VAL B 218 -40.62 -32.21 16.26
CA VAL B 218 -41.44 -31.24 15.54
C VAL B 218 -41.50 -31.64 14.07
N VAL B 219 -42.74 -31.76 13.56
CA VAL B 219 -42.98 -32.20 12.20
C VAL B 219 -43.15 -30.95 11.33
N LEU B 220 -42.50 -30.95 10.16
CA LEU B 220 -42.51 -29.82 9.26
C LEU B 220 -42.96 -30.29 7.88
N GLU B 221 -43.92 -29.57 7.31
CA GLU B 221 -44.18 -29.60 5.88
C GLU B 221 -43.11 -28.70 5.24
N THR B 222 -42.40 -29.22 4.24
CA THR B 222 -41.31 -28.50 3.60
C THR B 222 -41.66 -28.15 2.15
N THR B 223 -40.75 -27.41 1.49
CA THR B 223 -40.89 -26.97 0.09
C THR B 223 -40.27 -27.98 -0.88
N GLU B 224 -39.73 -29.08 -0.36
CA GLU B 224 -39.25 -30.20 -1.17
C GLU B 224 -40.44 -31.13 -1.46
N LYS B 225 -41.26 -30.71 -2.44
CA LYS B 225 -42.41 -31.48 -2.98
C LYS B 225 -43.36 -31.86 -1.84
N ASN B 226 -43.55 -30.94 -0.89
CA ASN B 226 -44.57 -31.00 0.17
C ASN B 226 -44.26 -32.05 1.27
N GLN B 227 -43.03 -32.57 1.31
CA GLN B 227 -42.66 -33.72 2.16
C GLN B 227 -42.57 -33.32 3.64
N LEU B 228 -42.99 -34.25 4.51
CA LEU B 228 -42.86 -34.08 5.95
C LEU B 228 -41.45 -34.51 6.40
N PHE B 229 -40.72 -33.57 7.04
CA PHE B 229 -39.48 -33.85 7.78
C PHE B 229 -39.78 -33.72 9.28
N THR B 230 -39.17 -34.58 10.09
CA THR B 230 -39.33 -34.51 11.54
C THR B 230 -37.98 -34.21 12.23
N ILE B 231 -37.98 -33.22 13.14
CA ILE B 231 -36.81 -32.86 13.90
C ILE B 231 -37.01 -33.29 15.35
N HIS B 232 -36.15 -34.20 15.81
CA HIS B 232 -36.21 -34.83 17.12
C HIS B 232 -35.18 -34.16 18.05
N TYR B 233 -35.65 -33.52 19.12
CA TYR B 233 -34.80 -33.01 20.19
C TYR B 233 -34.79 -34.04 21.33
N VAL B 234 -33.71 -34.83 21.37
CA VAL B 234 -33.63 -36.03 22.17
C VAL B 234 -32.80 -35.73 23.43
N SER B 235 -33.12 -36.41 24.55
CA SER B 235 -32.50 -36.16 25.87
C SER B 235 -31.18 -36.93 26.05
N ASN B 236 -30.20 -36.69 25.17
CA ASN B 236 -28.84 -37.23 25.23
C ASN B 236 -27.89 -36.11 24.75
N ALA B 237 -26.59 -36.38 24.68
CA ALA B 237 -25.55 -35.39 24.28
C ALA B 237 -25.05 -35.64 22.84
N GLN B 238 -25.69 -36.59 22.14
CA GLN B 238 -25.57 -36.84 20.70
C GLN B 238 -25.67 -35.50 19.94
N LEU B 239 -24.78 -35.21 18.98
CA LEU B 239 -24.72 -33.79 18.47
C LEU B 239 -25.79 -33.53 17.40
N ILE B 240 -25.57 -34.07 16.19
CA ILE B 240 -26.50 -33.93 15.06
C ILE B 240 -26.40 -35.17 14.16
N ALA B 241 -27.58 -35.68 13.76
CA ALA B 241 -27.71 -36.82 12.85
C ALA B 241 -28.82 -36.54 11.83
N PHE B 242 -28.69 -37.17 10.66
CA PHE B 242 -29.64 -37.03 9.58
C PHE B 242 -29.69 -38.33 8.79
N LYS B 243 -30.85 -39.00 8.84
CA LYS B 243 -31.23 -40.12 7.93
C LYS B 243 -32.54 -39.79 7.21
N GLU B 244 -32.50 -39.66 5.88
CA GLU B 244 -33.70 -39.70 5.01
C GLU B 244 -34.56 -38.45 5.23
N ARG B 245 -35.49 -38.52 6.19
CA ARG B 245 -36.43 -37.43 6.53
C ARG B 245 -36.52 -37.20 8.05
N ASP B 246 -35.57 -37.74 8.82
CA ASP B 246 -35.50 -37.51 10.26
C ASP B 246 -34.18 -36.79 10.61
N ILE B 247 -34.30 -35.70 11.39
CA ILE B 247 -33.17 -34.96 11.93
C ILE B 247 -33.17 -35.09 13.45
N TYR B 248 -31.98 -35.35 14.00
CA TYR B 248 -31.82 -35.56 15.43
C TYR B 248 -30.83 -34.54 15.99
N TYR B 249 -31.23 -33.87 17.08
CA TYR B 249 -30.35 -33.01 17.87
C TYR B 249 -30.40 -33.49 19.32
N GLY B 250 -29.23 -33.65 19.94
CA GLY B 250 -29.17 -33.93 21.37
C GLY B 250 -29.29 -32.63 22.16
N ILE B 251 -30.26 -32.53 23.07
CA ILE B 251 -30.48 -31.29 23.84
C ILE B 251 -30.10 -31.52 25.31
N GLY B 252 -29.45 -32.66 25.60
CA GLY B 252 -29.02 -32.99 26.96
C GLY B 252 -30.15 -33.53 27.83
N PRO B 253 -29.88 -33.89 29.09
CA PRO B 253 -30.91 -34.48 29.95
C PRO B 253 -32.18 -33.65 30.22
N ARG B 254 -32.06 -32.31 30.30
CA ARG B 254 -33.12 -31.35 30.71
C ARG B 254 -33.99 -31.93 31.82
N THR B 255 -33.36 -32.36 32.93
CA THR B 255 -34.05 -32.93 34.11
C THR B 255 -34.42 -31.82 35.11
N SER B 256 -33.98 -30.57 34.83
CA SER B 256 -34.42 -29.34 35.47
C SER B 256 -35.08 -28.47 34.42
N TRP B 257 -35.99 -27.62 34.89
CA TRP B 257 -36.72 -26.69 34.03
C TRP B 257 -35.74 -25.83 33.22
N SER B 258 -36.07 -25.63 31.95
CA SER B 258 -35.37 -24.71 31.06
C SER B 258 -36.29 -24.39 29.87
N THR B 259 -36.08 -23.21 29.27
CA THR B 259 -36.70 -22.83 28.02
C THR B 259 -35.85 -23.38 26.86
N VAL B 260 -36.43 -24.27 26.04
CA VAL B 260 -35.84 -24.65 24.76
C VAL B 260 -36.43 -23.73 23.70
N THR B 261 -35.54 -23.20 22.86
CA THR B 261 -35.84 -22.26 21.78
C THR B 261 -35.02 -22.68 20.55
N ARG B 262 -35.71 -23.08 19.48
CA ARG B 262 -35.07 -23.63 18.30
C ARG B 262 -35.66 -22.97 17.05
N ASP B 263 -34.77 -22.55 16.14
CA ASP B 263 -35.08 -22.07 14.81
C ASP B 263 -35.25 -23.26 13.88
N LEU B 264 -36.48 -23.55 13.50
CA LEU B 264 -36.78 -24.77 12.75
C LEU B 264 -36.21 -24.67 11.33
N VAL B 265 -36.13 -23.43 10.79
CA VAL B 265 -35.49 -23.18 9.48
C VAL B 265 -34.04 -23.65 9.54
N THR B 266 -33.25 -23.06 10.45
CA THR B 266 -31.84 -23.38 10.60
C THR B 266 -31.69 -24.87 10.90
N ASP B 267 -32.45 -25.37 11.88
CA ASP B 267 -32.32 -26.74 12.33
C ASP B 267 -32.59 -27.71 11.17
N LEU B 268 -33.62 -27.40 10.36
CA LEU B 268 -33.92 -28.20 9.16
C LEU B 268 -32.74 -28.15 8.15
N ARG B 269 -32.25 -26.95 7.83
CA ARG B 269 -31.24 -26.76 6.76
C ARG B 269 -29.88 -27.34 7.17
N LYS B 270 -29.55 -27.25 8.45
CA LYS B 270 -28.28 -27.75 8.93
C LYS B 270 -28.31 -29.28 8.94
N GLY B 271 -29.47 -29.85 9.26
CA GLY B 271 -29.68 -31.30 9.25
C GLY B 271 -29.57 -31.88 7.84
N VAL B 272 -30.36 -31.36 6.90
CA VAL B 272 -30.36 -31.92 5.56
C VAL B 272 -28.99 -31.66 4.90
N GLY B 273 -28.34 -30.55 5.26
CA GLY B 273 -27.01 -30.22 4.77
C GLY B 273 -25.86 -30.88 5.54
N LEU B 274 -26.15 -31.78 6.49
CA LEU B 274 -25.10 -32.43 7.27
C LEU B 274 -24.00 -32.96 6.33
N SER B 275 -22.75 -32.58 6.63
CA SER B 275 -21.56 -32.92 5.83
C SER B 275 -20.42 -33.38 6.77
N ASN B 276 -19.42 -34.08 6.20
CA ASN B 276 -18.20 -34.49 6.89
C ASN B 276 -17.07 -33.48 6.65
N THR B 277 -17.36 -32.41 5.89
CA THR B 277 -16.37 -31.41 5.44
C THR B 277 -16.51 -30.15 6.31
N LYS B 278 -15.72 -29.11 5.97
CA LYS B 278 -15.66 -27.83 6.70
C LYS B 278 -16.87 -26.95 6.39
N ALA B 279 -17.65 -27.35 5.37
CA ALA B 279 -18.77 -26.56 4.88
C ALA B 279 -20.05 -27.39 4.82
N VAL B 280 -21.14 -26.78 5.26
CA VAL B 280 -22.46 -27.37 5.14
C VAL B 280 -22.82 -27.39 3.64
N LYS B 281 -23.36 -28.51 3.16
CA LYS B 281 -23.80 -28.57 1.77
C LYS B 281 -24.93 -27.55 1.59
N PRO B 282 -24.94 -26.71 0.52
CA PRO B 282 -26.04 -25.77 0.32
C PRO B 282 -27.33 -26.57 0.05
N THR B 283 -28.46 -26.03 0.50
CA THR B 283 -29.79 -26.56 0.24
C THR B 283 -30.74 -25.37 0.07
N LYS B 284 -31.84 -25.56 -0.66
CA LYS B 284 -32.82 -24.51 -0.74
C LYS B 284 -34.07 -24.90 0.08
N ILE B 285 -34.01 -26.04 0.79
CA ILE B 285 -35.20 -26.54 1.50
C ILE B 285 -35.57 -25.54 2.60
N MET B 286 -36.88 -25.22 2.65
CA MET B 286 -37.47 -24.37 3.66
C MET B 286 -38.65 -25.11 4.28
N PRO B 287 -38.97 -24.88 5.57
CA PRO B 287 -40.24 -25.32 6.12
C PRO B 287 -41.36 -24.40 5.65
N LYS B 288 -42.55 -24.90 5.36
CA LYS B 288 -43.67 -23.99 5.07
C LYS B 288 -44.78 -24.12 6.11
N LYS B 289 -44.71 -25.13 6.98
CA LYS B 289 -45.72 -25.36 8.01
C LYS B 289 -45.12 -26.16 9.17
N VAL B 290 -45.29 -25.64 10.39
CA VAL B 290 -44.99 -26.37 11.59
C VAL B 290 -46.26 -27.15 11.97
N VAL B 291 -46.26 -28.47 11.68
CA VAL B 291 -47.54 -29.16 11.68
C VAL B 291 -47.88 -29.63 13.10
N ARG B 292 -46.96 -30.29 13.82
CA ARG B 292 -47.31 -30.84 15.16
C ARG B 292 -46.05 -31.09 15.99
N LEU B 293 -46.25 -31.17 17.31
CA LEU B 293 -45.21 -31.42 18.28
C LEU B 293 -45.49 -32.74 18.99
N ILE B 294 -44.47 -33.60 19.10
CA ILE B 294 -44.57 -35.00 19.55
C ILE B 294 -43.69 -35.23 20.80
N ALA B 295 -44.31 -35.54 21.96
CA ALA B 295 -43.61 -35.78 23.29
C ALA B 295 -43.56 -37.28 23.63
N LYS B 296 -42.35 -37.73 23.94
CA LYS B 296 -42.07 -39.09 24.31
C LYS B 296 -41.28 -39.09 25.61
N GLY B 297 -41.38 -40.21 26.35
CA GLY B 297 -40.89 -40.33 27.72
C GLY B 297 -41.86 -39.72 28.72
N LYS B 298 -41.38 -39.50 29.94
CA LYS B 298 -42.19 -38.96 31.05
C LYS B 298 -41.62 -37.58 31.39
N GLY B 299 -42.49 -36.55 31.44
CA GLY B 299 -42.06 -35.26 31.90
C GLY B 299 -43.17 -34.23 31.91
N PHE B 300 -42.75 -32.97 31.79
CA PHE B 300 -43.62 -31.80 31.85
C PHE B 300 -43.22 -30.81 30.74
N LEU B 301 -44.17 -29.96 30.36
CA LEU B 301 -44.11 -29.16 29.14
C LEU B 301 -44.98 -27.92 29.39
N ASP B 302 -44.44 -26.72 29.18
CA ASP B 302 -45.24 -25.50 29.38
C ASP B 302 -44.85 -24.44 28.34
N ASN B 303 -45.73 -23.43 28.19
CA ASN B 303 -45.44 -22.22 27.43
C ASN B 303 -45.01 -22.60 26.00
N ILE B 304 -45.80 -23.43 25.31
CA ILE B 304 -45.42 -23.82 23.98
C ILE B 304 -45.82 -22.70 23.02
N THR B 305 -44.87 -22.28 22.18
CA THR B 305 -44.90 -21.01 21.45
C THR B 305 -44.24 -21.15 20.06
N ILE B 306 -44.78 -20.46 19.06
CA ILE B 306 -44.08 -20.24 17.81
C ILE B 306 -44.03 -18.73 17.52
N SER B 307 -42.82 -18.25 17.23
CA SER B 307 -42.50 -16.82 17.08
C SER B 307 -41.73 -16.58 15.78
N THR B 308 -41.85 -15.37 15.23
CA THR B 308 -41.08 -14.98 14.05
C THR B 308 -39.56 -15.00 14.38
N THR B 309 -39.21 -14.46 15.54
CA THR B 309 -37.81 -14.33 15.97
C THR B 309 -37.74 -14.44 17.50
N ALA B 310 -36.57 -14.85 18.00
CA ALA B 310 -36.30 -14.93 19.40
C ALA B 310 -34.87 -14.43 19.60
N HIS B 311 -34.71 -13.12 19.38
CA HIS B 311 -33.39 -12.53 19.33
C HIS B 311 -32.75 -12.55 20.72
N MET B 312 -33.51 -12.16 21.74
CA MET B 312 -32.94 -12.07 23.08
C MET B 312 -32.55 -13.45 23.64
N ALA B 313 -33.25 -14.50 23.24
CA ALA B 313 -32.89 -15.84 23.71
C ALA B 313 -31.55 -16.26 23.08
N ALA B 314 -31.33 -15.88 21.82
CA ALA B 314 -30.08 -16.18 21.17
C ALA B 314 -28.93 -15.40 21.87
N PHE B 315 -29.14 -14.09 22.07
CA PHE B 315 -28.21 -13.26 22.75
C PHE B 315 -27.83 -13.86 24.12
N PHE B 316 -28.83 -14.30 24.90
CA PHE B 316 -28.52 -14.76 26.26
C PHE B 316 -27.83 -16.11 26.21
N ALA B 317 -28.14 -16.91 25.20
CA ALA B 317 -27.53 -18.22 25.11
C ALA B 317 -26.02 -18.02 24.90
N ALA B 318 -25.69 -17.02 24.07
CA ALA B 318 -24.29 -16.68 23.81
C ALA B 318 -23.64 -16.16 25.10
N SER B 319 -24.38 -15.31 25.84
CA SER B 319 -23.87 -14.66 27.02
C SER B 319 -23.54 -15.71 28.09
N ASP B 320 -24.49 -16.65 28.30
CA ASP B 320 -24.37 -17.69 29.27
C ASP B 320 -23.24 -18.64 28.84
N TRP B 321 -23.14 -18.93 27.55
CA TRP B 321 -22.04 -19.76 27.13
C TRP B 321 -20.68 -19.13 27.50
N LEU B 322 -20.55 -17.80 27.32
CA LEU B 322 -19.29 -17.11 27.54
C LEU B 322 -18.93 -17.17 29.04
N VAL B 323 -19.93 -16.99 29.92
CA VAL B 323 -19.68 -16.96 31.34
C VAL B 323 -19.20 -18.34 31.81
N ARG B 324 -19.86 -19.39 31.35
CA ARG B 324 -19.57 -20.78 31.76
C ARG B 324 -18.24 -21.27 31.18
N ASN B 325 -17.80 -20.71 30.05
CA ASN B 325 -16.64 -21.32 29.38
C ASN B 325 -15.37 -20.46 29.53
N GLN B 326 -15.43 -19.31 30.22
CA GLN B 326 -14.26 -18.50 30.49
C GLN B 326 -13.32 -19.31 31.39
N ASP B 327 -12.01 -19.28 31.13
CA ASP B 327 -11.05 -20.03 31.95
C ASP B 327 -10.50 -19.14 33.08
N GLU B 328 -9.54 -19.68 33.86
CA GLU B 328 -9.04 -19.01 35.09
C GLU B 328 -8.25 -17.74 34.74
N LYS B 329 -7.75 -17.65 33.51
CA LYS B 329 -6.99 -16.51 33.04
C LYS B 329 -7.91 -15.46 32.38
N GLY B 330 -9.21 -15.72 32.40
CA GLY B 330 -10.21 -14.81 31.88
C GLY B 330 -10.35 -14.93 30.39
N GLY B 331 -9.75 -15.97 29.81
CA GLY B 331 -9.76 -16.17 28.37
C GLY B 331 -10.80 -17.19 27.93
N TRP B 332 -11.15 -17.10 26.64
CA TRP B 332 -11.82 -18.16 25.93
C TRP B 332 -10.81 -18.85 25.04
N PRO B 333 -10.17 -19.93 25.53
CA PRO B 333 -9.08 -20.55 24.79
C PRO B 333 -9.61 -21.08 23.47
N ILE B 334 -8.76 -20.99 22.45
CA ILE B 334 -9.08 -21.50 21.17
C ILE B 334 -8.38 -22.85 20.99
N MET B 335 -9.21 -23.88 20.81
CA MET B 335 -8.80 -25.24 21.07
C MET B 335 -8.38 -25.95 19.77
N VAL B 336 -8.09 -25.20 18.70
CA VAL B 336 -7.54 -25.77 17.47
C VAL B 336 -6.18 -25.14 17.12
N THR B 337 -5.31 -25.93 16.49
CA THR B 337 -4.05 -25.47 15.94
C THR B 337 -4.35 -24.48 14.82
N ARG B 338 -3.51 -23.45 14.72
CA ARG B 338 -3.68 -22.41 13.76
C ARG B 338 -2.29 -22.01 13.26
N LYS B 339 -2.03 -22.28 11.97
CA LYS B 339 -0.78 -21.89 11.32
C LYS B 339 -1.08 -20.71 10.41
N LEU B 340 -0.55 -19.55 10.80
CA LEU B 340 -1.01 -18.34 10.19
C LEU B 340 -0.33 -18.15 8.83
N GLY B 341 0.82 -18.75 8.59
CA GLY B 341 1.50 -18.64 7.32
C GLY B 341 2.98 -18.90 7.45
N GLU B 342 3.66 -19.14 6.33
CA GLU B 342 5.09 -19.41 6.42
CA GLU B 342 5.12 -19.33 6.28
C GLU B 342 5.78 -18.20 7.09
N GLY B 343 6.55 -18.54 8.14
CA GLY B 343 7.30 -17.58 8.97
C GLY B 343 6.74 -17.47 10.39
N PHE B 344 5.44 -17.73 10.55
CA PHE B 344 4.77 -17.66 11.81
C PHE B 344 4.80 -19.02 12.49
N LYS B 345 5.22 -19.06 13.75
CA LYS B 345 5.15 -20.29 14.51
C LYS B 345 3.68 -20.73 14.58
N SER B 346 3.48 -22.04 14.56
CA SER B 346 2.15 -22.61 14.72
C SER B 346 1.64 -22.26 16.13
N LEU B 347 0.36 -21.93 16.23
CA LEU B 347 -0.27 -21.70 17.52
C LEU B 347 -0.84 -23.02 18.01
N GLU B 348 -0.30 -23.56 19.11
CA GLU B 348 -0.81 -24.79 19.72
CA GLU B 348 -0.87 -24.80 19.62
C GLU B 348 -2.13 -24.47 20.43
N PRO B 349 -3.07 -25.44 20.52
CA PRO B 349 -4.36 -25.20 21.18
C PRO B 349 -4.24 -24.53 22.56
N GLY B 350 -5.26 -23.74 22.91
CA GLY B 350 -5.26 -22.94 24.14
C GLY B 350 -4.81 -21.51 23.94
N TRP B 351 -4.58 -21.07 22.68
CA TRP B 351 -4.13 -19.71 22.44
C TRP B 351 -5.36 -18.79 22.57
N TYR B 352 -5.15 -17.52 22.98
CA TYR B 352 -6.24 -16.53 23.10
C TYR B 352 -6.18 -15.54 21.94
N SER B 353 -7.33 -14.93 21.64
CA SER B 353 -7.48 -14.00 20.59
C SER B 353 -8.01 -12.68 21.17
N ALA B 354 -7.38 -11.56 20.84
CA ALA B 354 -7.88 -10.30 21.26
C ALA B 354 -9.26 -10.02 20.66
N MET B 355 -9.62 -10.63 19.54
CA MET B 355 -10.90 -10.36 18.91
C MET B 355 -11.97 -11.11 19.70
N ALA B 356 -11.68 -12.36 20.03
CA ALA B 356 -12.53 -13.13 20.92
C ALA B 356 -12.72 -12.38 22.25
N GLN B 357 -11.63 -11.96 22.90
CA GLN B 357 -11.79 -11.31 24.19
C GLN B 357 -12.70 -10.08 24.04
N GLY B 358 -12.43 -9.24 23.05
CA GLY B 358 -13.18 -7.96 22.91
C GLY B 358 -14.64 -8.19 22.58
N GLN B 359 -14.90 -9.09 21.62
CA GLN B 359 -16.27 -9.34 21.21
C GLN B 359 -17.04 -9.95 22.39
N ALA B 360 -16.42 -10.87 23.13
CA ALA B 360 -17.02 -11.45 24.30
C ALA B 360 -17.34 -10.34 25.32
N ILE B 361 -16.41 -9.43 25.53
CA ILE B 361 -16.64 -8.38 26.48
C ILE B 361 -17.84 -7.54 26.01
N SER B 362 -17.93 -7.26 24.71
CA SER B 362 -19.00 -6.43 24.17
C SER B 362 -20.37 -7.12 24.37
N THR B 363 -20.38 -8.44 24.25
CA THR B 363 -21.54 -9.27 24.54
C THR B 363 -21.93 -9.20 26.03
N LEU B 364 -20.94 -9.49 26.89
CA LEU B 364 -21.15 -9.57 28.34
C LEU B 364 -21.58 -8.22 28.91
N VAL B 365 -20.99 -7.11 28.44
CA VAL B 365 -21.36 -5.80 28.94
C VAL B 365 -22.85 -5.58 28.63
N ARG B 366 -23.27 -5.94 27.40
CA ARG B 366 -24.65 -5.71 27.03
C ARG B 366 -25.56 -6.57 27.92
N ALA B 367 -25.14 -7.79 28.24
CA ALA B 367 -25.94 -8.66 29.09
C ALA B 367 -26.10 -8.05 30.50
N TYR B 368 -25.00 -7.45 31.00
CA TYR B 368 -24.97 -6.82 32.29
C TYR B 368 -25.91 -5.61 32.30
N LEU B 369 -25.84 -4.76 31.25
CA LEU B 369 -26.63 -3.53 31.22
C LEU B 369 -28.13 -3.86 31.21
N LEU B 370 -28.50 -5.02 30.65
CA LEU B 370 -29.90 -5.39 30.54
C LEU B 370 -30.44 -5.95 31.86
N THR B 371 -29.67 -6.84 32.49
CA THR B 371 -30.11 -7.69 33.59
C THR B 371 -29.67 -7.14 34.94
N LYS B 372 -28.61 -6.33 34.95
CA LYS B 372 -27.88 -5.85 36.14
C LYS B 372 -27.34 -7.01 37.02
N ASP B 373 -27.22 -8.19 36.42
CA ASP B 373 -26.56 -9.32 37.02
C ASP B 373 -25.03 -9.20 36.88
N HIS B 374 -24.37 -8.95 38.01
CA HIS B 374 -22.95 -8.70 38.14
C HIS B 374 -22.08 -9.89 37.72
N ILE B 375 -22.67 -11.07 37.60
CA ILE B 375 -21.95 -12.22 36.98
C ILE B 375 -21.45 -11.83 35.56
N PHE B 376 -22.20 -11.01 34.82
CA PHE B 376 -21.84 -10.70 33.46
C PHE B 376 -20.69 -9.72 33.47
N LEU B 377 -20.77 -8.71 34.35
CA LEU B 377 -19.77 -7.69 34.43
C LEU B 377 -18.46 -8.28 34.95
N ASN B 378 -18.56 -9.15 35.95
CA ASN B 378 -17.37 -9.71 36.57
C ASN B 378 -16.66 -10.61 35.53
N SER B 379 -17.41 -11.26 34.64
CA SER B 379 -16.80 -12.08 33.57
C SER B 379 -16.09 -11.16 32.54
N ALA B 380 -16.71 -10.02 32.24
CA ALA B 380 -16.14 -9.06 31.32
C ALA B 380 -14.88 -8.49 31.94
N LEU B 381 -14.90 -8.16 33.24
CA LEU B 381 -13.74 -7.57 33.93
C LEU B 381 -12.56 -8.55 33.90
N ARG B 382 -12.82 -9.84 34.08
CA ARG B 382 -11.78 -10.86 34.03
C ARG B 382 -11.21 -10.98 32.61
N ALA B 383 -12.03 -10.65 31.60
CA ALA B 383 -11.67 -10.90 30.23
C ALA B 383 -10.57 -9.95 29.76
N THR B 384 -10.31 -8.86 30.47
CA THR B 384 -9.19 -8.02 30.08
C THR B 384 -7.85 -8.62 30.47
N ALA B 385 -7.80 -9.68 31.27
CA ALA B 385 -6.50 -10.05 31.82
C ALA B 385 -5.53 -10.42 30.70
N PRO B 386 -5.92 -11.20 29.67
CA PRO B 386 -5.00 -11.59 28.61
C PRO B 386 -4.34 -10.44 27.84
N TYR B 387 -4.95 -9.24 27.92
CA TYR B 387 -4.41 -8.09 27.25
C TYR B 387 -3.12 -7.58 27.93
N LYS B 388 -2.87 -7.99 29.16
CA LYS B 388 -1.74 -7.49 29.94
C LYS B 388 -0.49 -8.34 29.72
N PHE B 389 -0.62 -9.48 29.07
CA PHE B 389 0.44 -10.48 29.02
C PHE B 389 0.80 -10.74 27.56
N LEU B 390 2.11 -10.81 27.28
CA LEU B 390 2.65 -11.01 25.97
C LEU B 390 2.20 -12.38 25.47
N SER B 391 2.27 -12.54 24.15
CA SER B 391 1.89 -13.74 23.43
C SER B 391 2.61 -14.98 23.97
N GLU B 392 3.92 -14.84 24.25
CA GLU B 392 4.81 -15.91 24.75
C GLU B 392 4.47 -16.31 26.20
N GLN B 393 3.72 -15.45 26.94
CA GLN B 393 3.28 -15.74 28.31
CA GLN B 393 3.27 -15.68 28.33
C GLN B 393 1.77 -16.08 28.33
N HIS B 394 1.25 -16.56 27.20
CA HIS B 394 -0.16 -16.92 27.03
C HIS B 394 -1.12 -15.74 27.26
N GLY B 395 -0.71 -14.59 26.78
CA GLY B 395 -1.64 -13.47 26.56
C GLY B 395 -1.81 -13.14 25.08
N VAL B 396 -2.23 -11.91 24.82
CA VAL B 396 -2.50 -11.41 23.47
C VAL B 396 -1.73 -10.10 23.21
N LYS B 397 -0.87 -9.67 24.12
CA LYS B 397 -0.22 -8.41 23.91
C LYS B 397 1.03 -8.59 23.05
N ALA B 398 1.16 -7.71 22.08
CA ALA B 398 2.38 -7.54 21.31
C ALA B 398 2.80 -6.07 21.40
N VAL B 399 4.09 -5.81 21.20
CA VAL B 399 4.59 -4.45 21.22
C VAL B 399 5.27 -4.19 19.88
N PHE B 400 4.83 -3.12 19.23
CA PHE B 400 5.42 -2.76 17.93
C PHE B 400 6.64 -1.88 18.16
N MET B 401 7.80 -2.42 17.83
CA MET B 401 9.07 -1.72 17.86
C MET B 401 9.26 -1.00 19.20
N ASN B 402 9.07 -1.72 20.30
CA ASN B 402 9.33 -1.23 21.62
C ASN B 402 8.54 0.05 21.90
N LYS B 403 7.42 0.30 21.23
CA LYS B 403 6.82 1.60 21.42
C LYS B 403 5.28 1.54 21.58
N HIS B 404 4.56 0.76 20.78
CA HIS B 404 3.07 0.81 20.77
C HIS B 404 2.49 -0.55 21.19
N ASP B 405 1.77 -0.55 22.29
CA ASP B 405 1.06 -1.74 22.70
C ASP B 405 0.00 -2.11 21.67
N TRP B 406 -0.13 -3.40 21.47
CA TRP B 406 -1.08 -3.92 20.57
C TRP B 406 -1.73 -5.17 21.13
N TYR B 407 -2.96 -5.49 20.72
CA TYR B 407 -3.68 -6.66 21.19
C TYR B 407 -4.00 -7.54 19.98
N GLU B 408 -3.42 -8.75 19.96
CA GLU B 408 -3.28 -9.61 18.85
C GLU B 408 -4.53 -10.45 18.63
N GLU B 409 -5.04 -10.43 17.41
CA GLU B 409 -6.00 -11.42 16.98
C GLU B 409 -5.36 -12.82 16.97
N TYR B 410 -4.08 -12.88 16.56
CA TYR B 410 -3.33 -14.08 16.50
C TYR B 410 -2.00 -13.85 17.21
N PRO B 411 -1.80 -14.39 18.43
CA PRO B 411 -0.64 -14.04 19.24
C PRO B 411 0.55 -14.89 18.81
N THR B 412 1.08 -14.50 17.67
CA THR B 412 2.07 -15.26 16.96
C THR B 412 3.45 -14.80 17.42
N THR B 413 4.44 -15.63 17.12
CA THR B 413 5.83 -15.28 17.09
C THR B 413 6.36 -15.47 15.66
N PRO B 414 6.89 -14.40 15.06
CA PRO B 414 6.82 -13.02 15.50
C PRO B 414 5.37 -12.50 15.53
N SER B 415 5.23 -11.28 16.04
CA SER B 415 3.93 -10.63 16.13
C SER B 415 3.33 -10.45 14.74
N SER B 416 2.00 -10.42 14.67
CA SER B 416 1.30 -10.35 13.38
C SER B 416 0.62 -8.98 13.17
N PHE B 417 0.09 -8.35 14.22
CA PHE B 417 -0.51 -6.99 14.15
C PHE B 417 -1.67 -6.92 13.13
N VAL B 418 -2.62 -7.86 13.24
CA VAL B 418 -3.83 -7.84 12.44
C VAL B 418 -4.73 -6.68 12.85
N LEU B 419 -5.13 -5.86 11.87
CA LEU B 419 -5.81 -4.58 12.20
C LEU B 419 -7.23 -4.82 12.74
N ASN B 420 -8.03 -5.65 12.06
CA ASN B 420 -9.44 -5.62 12.39
C ASN B 420 -9.66 -6.20 13.80
N GLY B 421 -8.99 -7.32 14.10
CA GLY B 421 -9.04 -7.93 15.40
C GLY B 421 -8.71 -6.98 16.52
N PHE B 422 -7.67 -6.18 16.30
CA PHE B 422 -7.23 -5.18 17.25
C PHE B 422 -8.37 -4.20 17.49
N MET B 423 -9.01 -3.72 16.42
CA MET B 423 -10.04 -2.66 16.61
C MET B 423 -11.25 -3.23 17.37
N TYR B 424 -11.59 -4.50 17.12
CA TYR B 424 -12.63 -5.14 17.92
C TYR B 424 -12.21 -5.25 19.40
N SER B 425 -10.91 -5.53 19.64
CA SER B 425 -10.43 -5.66 21.05
C SER B 425 -10.62 -4.33 21.77
N LEU B 426 -10.50 -3.19 21.05
CA LEU B 426 -10.61 -1.86 21.64
C LEU B 426 -12.06 -1.49 21.87
N ILE B 427 -12.94 -1.88 20.97
CA ILE B 427 -14.37 -1.55 21.14
C ILE B 427 -14.91 -2.30 22.37
N GLY B 428 -14.42 -3.51 22.59
CA GLY B 428 -14.72 -4.24 23.86
C GLY B 428 -14.27 -3.48 25.10
N LEU B 429 -13.00 -3.01 25.09
CA LEU B 429 -12.53 -2.29 26.22
C LEU B 429 -13.36 -1.02 26.38
N TYR B 430 -13.74 -0.35 25.30
CA TYR B 430 -14.56 0.86 25.43
C TYR B 430 -15.87 0.51 26.13
N ASP B 431 -16.51 -0.58 25.72
CA ASP B 431 -17.78 -0.95 26.29
C ASP B 431 -17.64 -1.16 27.80
N LEU B 432 -16.58 -1.87 28.19
CA LEU B 432 -16.33 -2.23 29.55
C LEU B 432 -16.02 -0.99 30.41
N LYS B 433 -15.13 -0.12 29.92
CA LYS B 433 -14.68 1.03 30.72
C LYS B 433 -15.83 2.03 30.88
N GLU B 434 -16.70 2.13 29.89
CA GLU B 434 -17.85 3.02 29.98
C GLU B 434 -18.89 2.48 30.97
N THR B 435 -18.84 1.18 31.28
CA THR B 435 -19.86 0.56 32.03
C THR B 435 -19.39 0.24 33.46
N ALA B 436 -18.10 -0.07 33.64
CA ALA B 436 -17.65 -0.67 34.91
C ALA B 436 -17.61 0.34 36.07
N GLY B 437 -17.65 1.64 35.81
CA GLY B 437 -17.41 2.67 36.87
C GLY B 437 -15.92 2.95 37.07
N GLU B 438 -15.63 3.99 37.86
CA GLU B 438 -14.28 4.53 38.01
C GLU B 438 -13.32 3.47 38.60
N LYS B 439 -13.72 2.85 39.70
CA LYS B 439 -12.83 1.96 40.45
C LYS B 439 -12.49 0.72 39.60
N LEU B 440 -13.52 -0.04 39.21
CA LEU B 440 -13.37 -1.34 38.56
C LEU B 440 -12.96 -1.22 37.09
N GLY B 441 -13.22 -0.05 36.49
CA GLY B 441 -12.90 0.15 35.07
C GLY B 441 -11.46 0.55 34.82
N LYS B 442 -10.66 0.66 35.87
CA LYS B 442 -9.32 1.24 35.81
C LYS B 442 -8.46 0.57 34.73
N GLU B 443 -8.37 -0.76 34.81
CA GLU B 443 -7.59 -1.59 33.94
C GLU B 443 -8.09 -1.45 32.50
N ALA B 444 -9.41 -1.59 32.28
CA ALA B 444 -9.98 -1.44 30.97
C ALA B 444 -9.64 -0.05 30.41
N ARG B 445 -9.72 0.99 31.25
CA ARG B 445 -9.50 2.39 30.84
C ARG B 445 -8.09 2.54 30.28
N SER B 446 -7.13 1.96 31.01
CA SER B 446 -5.77 2.09 30.74
C SER B 446 -5.43 1.33 29.45
N LEU B 447 -5.93 0.09 29.30
CA LEU B 447 -5.65 -0.73 28.14
C LEU B 447 -6.23 -0.06 26.88
N TYR B 448 -7.44 0.50 27.00
CA TYR B 448 -8.08 1.24 25.90
C TYR B 448 -7.24 2.45 25.45
N GLU B 449 -6.93 3.36 26.38
CA GLU B 449 -6.15 4.57 26.11
C GLU B 449 -4.85 4.21 25.40
N ARG B 450 -4.12 3.21 25.91
CA ARG B 450 -2.86 2.83 25.29
C ARG B 450 -3.11 2.26 23.90
N GLY B 451 -4.17 1.46 23.75
CA GLY B 451 -4.52 0.87 22.50
C GLY B 451 -4.83 1.89 21.42
N MET B 452 -5.66 2.88 21.75
CA MET B 452 -6.09 3.94 20.83
C MET B 452 -4.90 4.86 20.40
N GLU B 453 -3.95 5.08 21.30
CA GLU B 453 -2.73 5.80 20.98
C GLU B 453 -1.93 4.99 19.93
N SER B 454 -1.87 3.67 20.09
CA SER B 454 -1.16 2.83 19.17
C SER B 454 -1.80 2.87 17.77
N LEU B 455 -3.14 2.74 17.76
CA LEU B 455 -3.95 2.69 16.58
C LEU B 455 -3.72 3.96 15.73
N LYS B 456 -3.82 5.12 16.37
CA LYS B 456 -3.64 6.38 15.70
C LYS B 456 -2.22 6.47 15.09
N ALA B 457 -1.23 5.97 15.79
CA ALA B 457 0.12 6.07 15.28
C ALA B 457 0.31 5.09 14.13
N MET B 458 -0.32 3.89 14.17
CA MET B 458 0.05 2.81 13.26
C MET B 458 -0.89 2.69 12.05
N LEU B 459 -2.01 3.42 12.06
CA LEU B 459 -2.96 3.32 10.96
C LEU B 459 -2.26 3.50 9.63
N PRO B 460 -1.34 4.47 9.44
CA PRO B 460 -0.76 4.72 8.11
C PRO B 460 -0.02 3.52 7.54
N LEU B 461 0.49 2.62 8.38
CA LEU B 461 1.23 1.48 7.93
C LEU B 461 0.31 0.47 7.22
N TYR B 462 -1.01 0.60 7.40
CA TYR B 462 -1.95 -0.29 6.80
C TYR B 462 -2.56 0.29 5.52
N ASP B 463 -2.10 1.47 5.08
CA ASP B 463 -2.73 2.17 4.00
C ASP B 463 -1.82 2.04 2.80
N THR B 464 -2.29 1.41 1.71
CA THR B 464 -1.48 1.18 0.50
C THR B 464 -1.54 2.36 -0.47
N GLY B 465 -2.40 3.32 -0.18
CA GLY B 465 -2.71 4.32 -1.16
C GLY B 465 -3.87 3.94 -2.09
N SER B 466 -4.31 2.67 -2.12
CA SER B 466 -5.52 2.29 -2.91
C SER B 466 -6.25 1.07 -2.34
N GLY B 467 -6.07 0.84 -1.03
CA GLY B 467 -6.54 -0.29 -0.29
C GLY B 467 -5.97 -0.26 1.13
N THR B 468 -6.21 -1.33 1.89
CA THR B 468 -5.57 -1.50 3.15
C THR B 468 -4.89 -2.85 3.18
N ILE B 469 -3.93 -2.94 4.08
CA ILE B 469 -3.26 -4.20 4.41
C ILE B 469 -4.00 -4.83 5.60
N TYR B 470 -4.03 -6.16 5.67
CA TYR B 470 -4.77 -6.89 6.68
C TYR B 470 -4.02 -6.92 8.00
N ASP B 471 -2.69 -7.04 7.90
CA ASP B 471 -1.76 -7.27 9.03
C ASP B 471 -0.38 -6.72 8.64
N LEU B 472 0.64 -6.83 9.48
CA LEU B 472 1.94 -6.27 9.18
C LEU B 472 2.94 -7.40 8.95
N ARG B 473 2.49 -8.54 8.41
CA ARG B 473 3.42 -9.63 8.26
C ARG B 473 4.53 -9.25 7.27
N HIS B 474 4.25 -8.33 6.35
CA HIS B 474 5.30 -7.92 5.38
C HIS B 474 6.53 -7.34 6.09
N PHE B 475 6.29 -6.49 7.10
CA PHE B 475 7.36 -5.87 7.87
C PHE B 475 7.99 -6.89 8.81
N MET B 476 7.18 -7.75 9.42
CA MET B 476 7.69 -8.65 10.45
C MET B 476 8.42 -9.87 9.87
N LEU B 477 8.11 -10.26 8.63
CA LEU B 477 8.70 -11.43 8.05
C LEU B 477 9.59 -11.11 6.85
N GLY B 478 9.62 -9.87 6.35
CA GLY B 478 10.33 -9.48 5.15
C GLY B 478 9.72 -10.05 3.88
N ILE B 479 8.40 -9.99 3.71
CA ILE B 479 7.69 -10.62 2.57
C ILE B 479 6.65 -9.66 1.99
N ALA B 480 5.93 -10.11 0.96
CA ALA B 480 4.96 -9.27 0.30
C ALA B 480 3.83 -8.93 1.28
N PRO B 481 3.18 -7.78 1.13
CA PRO B 481 2.06 -7.41 2.00
C PRO B 481 0.85 -8.35 1.83
N ASN B 482 0.17 -8.70 2.94
CA ASN B 482 -1.06 -9.47 2.91
C ASN B 482 -2.22 -8.48 2.78
N LEU B 483 -2.49 -8.04 1.55
CA LEU B 483 -3.49 -7.04 1.27
C LEU B 483 -4.86 -7.57 1.69
N ALA B 484 -5.69 -6.67 2.17
CA ALA B 484 -6.99 -6.96 2.67
C ALA B 484 -7.95 -7.08 1.50
N ARG B 485 -8.69 -8.18 1.42
CA ARG B 485 -9.77 -8.25 0.44
C ARG B 485 -10.78 -7.17 0.79
N TRP B 486 -11.57 -6.77 -0.20
CA TRP B 486 -12.51 -5.62 -0.11
C TRP B 486 -13.47 -5.74 1.08
N ASP B 487 -13.91 -6.95 1.44
CA ASP B 487 -14.87 -7.10 2.54
C ASP B 487 -14.15 -6.85 3.87
N TYR B 488 -12.86 -7.16 3.95
CA TYR B 488 -12.09 -6.73 5.15
C TYR B 488 -11.79 -5.24 5.09
N HIS B 489 -11.66 -4.67 3.88
CA HIS B 489 -11.44 -3.25 3.76
C HIS B 489 -12.65 -2.48 4.29
N THR B 490 -13.85 -2.96 3.93
CA THR B 490 -15.07 -2.30 4.45
C THR B 490 -15.22 -2.58 5.94
N THR B 491 -14.77 -3.72 6.43
CA THR B 491 -14.75 -3.90 7.88
C THR B 491 -13.89 -2.84 8.53
N HIS B 492 -12.68 -2.59 7.98
CA HIS B 492 -11.80 -1.54 8.52
C HIS B 492 -12.51 -0.19 8.58
N ILE B 493 -13.19 0.18 7.49
CA ILE B 493 -13.93 1.42 7.46
C ILE B 493 -15.06 1.40 8.51
N ASN B 494 -15.85 0.33 8.57
CA ASN B 494 -16.95 0.27 9.56
C ASN B 494 -16.38 0.47 10.97
N GLN B 495 -15.25 -0.16 11.25
CA GLN B 495 -14.60 -0.04 12.57
C GLN B 495 -14.18 1.40 12.88
N LEU B 496 -13.56 2.05 11.90
CA LEU B 496 -12.98 3.38 12.10
C LEU B 496 -14.12 4.41 12.19
N GLN B 497 -15.15 4.19 11.39
CA GLN B 497 -16.37 5.02 11.37
C GLN B 497 -16.97 5.02 12.78
N LEU B 498 -17.07 3.84 13.39
CA LEU B 498 -17.56 3.65 14.79
C LEU B 498 -16.64 4.39 15.78
N LEU B 499 -15.34 4.09 15.73
CA LEU B 499 -14.37 4.73 16.65
C LEU B 499 -14.45 6.25 16.52
N SER B 500 -14.69 6.73 15.30
CA SER B 500 -14.73 8.15 15.03
C SER B 500 -15.88 8.85 15.78
N THR B 501 -16.88 8.09 16.27
CA THR B 501 -17.98 8.68 17.02
C THR B 501 -17.73 8.60 18.53
N ILE B 502 -16.66 7.92 18.98
CA ILE B 502 -16.33 7.89 20.43
C ILE B 502 -14.97 8.53 20.74
N ASP B 503 -14.24 8.94 19.70
CA ASP B 503 -12.98 9.66 19.83
C ASP B 503 -12.94 10.73 18.73
N GLU B 504 -12.80 12.00 19.11
CA GLU B 504 -13.00 13.05 18.09
CA GLU B 504 -12.89 13.22 18.28
C GLU B 504 -11.70 13.33 17.33
N SER B 505 -10.69 12.44 17.43
CA SER B 505 -9.42 12.62 16.69
C SER B 505 -9.65 12.80 15.20
N PRO B 506 -9.12 13.90 14.62
CA PRO B 506 -9.26 14.15 13.18
C PRO B 506 -8.70 13.01 12.32
N VAL B 507 -7.71 12.27 12.81
CA VAL B 507 -7.06 11.26 11.99
C VAL B 507 -8.08 10.17 11.58
N PHE B 508 -9.02 9.81 12.45
CA PHE B 508 -10.00 8.79 12.12
C PHE B 508 -10.91 9.27 10.99
N LYS B 509 -11.38 10.53 11.04
CA LYS B 509 -12.25 11.07 10.01
C LYS B 509 -11.55 11.10 8.65
N GLU B 510 -10.28 11.53 8.61
CA GLU B 510 -9.54 11.64 7.37
C GLU B 510 -9.32 10.26 6.76
N PHE B 511 -8.95 9.28 7.57
CA PHE B 511 -8.73 7.95 7.06
C PHE B 511 -10.05 7.31 6.56
N VAL B 512 -11.15 7.50 7.27
CA VAL B 512 -12.41 6.94 6.81
C VAL B 512 -12.73 7.48 5.40
N LYS B 513 -12.58 8.78 5.21
CA LYS B 513 -12.92 9.43 3.97
C LYS B 513 -12.02 8.88 2.84
N ARG B 514 -10.72 8.81 3.07
CA ARG B 514 -9.81 8.33 2.05
C ARG B 514 -10.07 6.84 1.76
N TRP B 515 -10.26 6.03 2.81
CA TRP B 515 -10.51 4.59 2.66
C TRP B 515 -11.82 4.33 1.90
N LYS B 516 -12.82 5.19 2.08
CA LYS B 516 -14.04 5.07 1.35
C LYS B 516 -13.79 5.33 -0.16
N SER B 517 -12.96 6.31 -0.45
CA SER B 517 -12.73 6.71 -1.83
C SER B 517 -12.04 5.57 -2.60
N TYR B 518 -11.29 4.74 -1.86
CA TYR B 518 -10.56 3.62 -2.48
C TYR B 518 -11.56 2.65 -3.13
N LEU B 519 -12.76 2.53 -2.53
CA LEU B 519 -13.88 1.65 -2.97
C LEU B 519 -14.40 2.02 -4.34
N LYS B 520 -14.29 3.30 -4.74
CA LYS B 520 -14.72 3.73 -6.10
C LYS B 520 -13.52 4.13 -6.98
N GLY B 521 -12.35 3.55 -6.66
CA GLY B 521 -11.20 3.55 -7.54
C GLY B 521 -10.28 4.76 -7.38
N SER B 522 -10.58 5.70 -6.48
CA SER B 522 -9.60 6.74 -6.13
C SER B 522 -8.35 6.09 -5.56
N ARG B 523 -7.24 6.79 -5.75
CA ARG B 523 -5.88 6.47 -5.27
CA ARG B 523 -5.90 6.45 -5.24
C ARG B 523 -5.32 7.70 -4.55
N ALA B 524 -4.45 7.51 -3.56
CA ALA B 524 -3.60 8.58 -3.09
C ALA B 524 -2.77 9.09 -4.26
N LYS B 525 -2.44 10.39 -4.24
CA LYS B 525 -1.54 11.03 -5.26
C LYS B 525 -0.16 10.33 -5.27
N HIS B 526 0.44 10.18 -6.45
CA HIS B 526 1.86 9.90 -6.55
C HIS B 526 2.64 11.21 -6.64
N ASN B 527 3.96 11.13 -6.44
CA ASN B 527 4.84 12.31 -6.39
C ASN B 527 5.20 12.75 -7.82
C1 NAG C . 36.82 7.97 -22.61
C2 NAG C . 36.80 8.22 -24.12
C3 NAG C . 38.09 7.64 -24.71
C4 NAG C . 39.30 8.27 -24.03
C5 NAG C . 39.18 8.06 -22.50
C6 NAG C . 40.30 8.66 -21.66
C7 NAG C . 34.44 8.10 -24.83
C8 NAG C . 33.42 7.24 -25.52
N2 NAG C . 35.64 7.54 -24.69
O3 NAG C . 38.13 7.83 -26.14
O4 NAG C . 40.48 7.66 -24.56
O5 NAG C . 37.95 8.63 -22.05
O6 NAG C . 40.21 10.10 -21.61
O7 NAG C . 34.17 9.22 -24.47
C1 NAG C . 41.55 8.60 -24.82
C2 NAG C . 42.87 7.82 -24.85
C3 NAG C . 44.03 8.76 -25.13
C4 NAG C . 43.84 9.64 -26.36
C5 NAG C . 42.39 10.16 -26.51
C6 NAG C . 42.06 10.43 -27.98
C7 NAG C . 42.74 5.82 -23.45
C8 NAG C . 42.96 5.21 -22.09
N2 NAG C . 43.10 7.10 -23.61
O3 NAG C . 45.20 7.96 -25.33
O4 NAG C . 44.81 10.72 -26.27
O5 NAG C . 41.37 9.25 -26.07
O6 NAG C . 41.41 11.70 -28.11
O7 NAG C . 42.21 5.18 -24.34
C1 BMA C . 45.96 10.75 -27.19
C2 BMA C . 46.94 9.56 -27.12
C3 BMA C . 48.17 9.81 -28.00
C4 BMA C . 47.71 10.11 -29.42
C5 BMA C . 46.76 11.32 -29.37
C6 BMA C . 46.34 11.86 -30.74
O2 BMA C . 46.35 8.32 -27.55
O3 BMA C . 49.05 8.68 -27.97
O4 BMA C . 48.83 10.35 -30.28
O5 BMA C . 45.61 10.98 -28.57
O6 BMA C . 46.98 13.13 -30.95
C1 MAN C . 46.17 14.31 -30.68
C2 MAN C . 46.54 15.32 -31.77
C3 MAN C . 46.94 16.71 -31.25
C4 MAN C . 46.03 17.08 -30.09
C5 MAN C . 46.46 16.18 -28.95
C6 MAN C . 45.71 16.53 -27.67
O2 MAN C . 45.42 15.45 -32.67
O3 MAN C . 46.88 17.68 -32.31
O4 MAN C . 46.14 18.47 -29.74
O5 MAN C . 46.29 14.78 -29.30
O6 MAN C . 46.31 15.86 -26.54
C1 NAG D . 47.97 22.29 -26.29
C2 NAG D . 48.37 22.81 -24.92
C3 NAG D . 49.79 22.38 -24.57
C4 NAG D . 49.98 20.87 -24.69
C5 NAG D . 49.34 20.30 -25.94
C6 NAG D . 49.17 18.82 -25.69
C7 NAG D . 48.03 24.95 -23.76
C8 NAG D . 48.08 26.45 -23.93
N2 NAG D . 48.27 24.26 -24.88
O3 NAG D . 50.13 22.76 -23.23
O4 NAG D . 51.39 20.54 -24.77
O5 NAG D . 48.07 20.87 -26.23
O6 NAG D . 48.97 18.23 -26.97
O7 NAG D . 47.81 24.45 -22.66
C1 NAG D . 51.84 19.76 -23.66
C2 NAG D . 53.14 19.02 -23.96
C3 NAG D . 53.50 18.20 -22.74
C4 NAG D . 53.64 19.08 -21.51
C5 NAG D . 52.36 19.91 -21.33
C6 NAG D . 52.49 20.96 -20.24
C7 NAG D . 53.54 18.51 -26.33
C8 NAG D . 53.53 17.43 -27.38
N2 NAG D . 53.09 18.14 -25.13
O3 NAG D . 54.72 17.50 -22.97
O4 NAG D . 53.85 18.23 -20.36
O5 NAG D . 52.06 20.61 -22.54
O6 NAG D . 51.27 20.99 -19.50
O7 NAG D . 53.96 19.64 -26.58
C1 BMA D . 55.06 18.56 -19.64
C2 BMA D . 54.98 17.98 -18.23
C3 BMA D . 56.12 18.55 -17.38
C4 BMA D . 57.46 18.37 -18.10
C5 BMA D . 57.43 18.63 -19.61
C6 BMA D . 58.70 18.14 -20.33
O2 BMA D . 55.08 16.55 -18.25
O3 BMA D . 56.14 17.89 -16.09
O4 BMA D . 58.37 19.28 -17.48
O5 BMA D . 56.26 18.06 -20.24
O6 BMA D . 58.47 16.93 -21.09
C1 MAN D . 55.28 18.53 -15.11
C2 MAN D . 56.05 19.65 -14.38
C3 MAN D . 56.89 19.14 -13.21
C4 MAN D . 56.05 18.24 -12.33
C5 MAN D . 55.56 17.08 -13.19
C6 MAN D . 54.82 16.04 -12.36
O2 MAN D . 55.11 20.62 -13.89
O3 MAN D . 57.41 20.23 -12.43
O4 MAN D . 56.82 17.78 -11.22
O5 MAN D . 54.69 17.58 -14.21
O6 MAN D . 54.30 15.06 -13.25
C1 MAN D . 59.58 16.51 -21.92
C2 MAN D . 59.24 15.15 -22.56
C3 MAN D . 59.37 13.97 -21.57
C4 MAN D . 60.65 14.08 -20.72
C5 MAN D . 60.81 15.50 -20.15
C6 MAN D . 62.03 15.71 -19.25
O2 MAN D . 60.08 14.91 -23.68
O3 MAN D . 59.29 12.71 -22.27
O4 MAN D . 60.58 13.14 -19.63
O5 MAN D . 60.84 16.42 -21.25
O6 MAN D . 61.67 16.61 -18.19
C1 NAG E . -36.38 -7.25 21.73
C2 NAG E . -37.70 -7.61 21.06
C3 NAG E . -38.84 -7.04 21.90
C4 NAG E . -38.72 -7.48 23.35
C5 NAG E . -37.32 -7.24 23.91
C6 NAG E . -37.06 -7.95 25.23
C7 NAG E . -37.29 -7.73 18.64
C8 NAG E . -37.48 -7.06 17.31
N2 NAG E . -37.75 -7.07 19.70
O3 NAG E . -40.07 -7.48 21.32
O4 NAG E . -39.70 -6.74 24.10
O5 NAG E . -36.32 -7.77 23.03
O6 NAG E . -36.90 -6.89 26.17
O7 NAG E . -36.76 -8.82 18.74
C1 NAG E . -40.48 -7.63 24.94
C2 NAG E . -41.37 -6.79 25.82
C3 NAG E . -42.32 -7.65 26.66
C4 NAG E . -42.88 -8.89 25.95
C5 NAG E . -41.87 -9.55 25.03
C6 NAG E . -42.49 -10.63 24.16
C7 NAG E . -40.21 -4.69 26.41
C8 NAG E . -39.30 -4.02 27.38
N2 NAG E . -40.50 -5.98 26.66
O3 NAG E . -43.44 -6.86 27.05
O4 NAG E . -43.28 -9.83 26.95
O5 NAG E . -41.28 -8.55 24.21
O6 NAG E . -43.57 -10.07 23.40
O7 NAG E . -40.68 -4.10 25.45
C1 NAG F . -31.35 -41.81 30.32
C2 NAG F . -31.26 -41.86 31.82
C3 NAG F . -29.84 -42.13 32.34
C4 NAG F . -29.09 -43.22 31.54
C5 NAG F . -29.26 -42.96 30.02
C6 NAG F . -28.52 -43.91 29.05
C7 NAG F . -32.70 -40.38 33.23
C8 NAG F . -32.97 -38.95 33.63
N2 NAG F . -31.70 -40.57 32.35
O3 NAG F . -29.86 -42.45 33.72
O4 NAG F . -27.70 -43.17 31.88
O5 NAG F . -30.66 -42.96 29.72
O6 NAG F . -29.33 -44.96 28.67
O7 NAG F . -33.37 -41.26 33.70
C1 NAG F . -27.21 -44.31 32.63
C2 NAG F . -25.73 -44.50 32.28
C3 NAG F . -25.13 -45.64 33.11
C4 NAG F . -25.47 -45.53 34.60
C5 NAG F . -26.95 -45.25 34.86
C6 NAG F . -27.13 -44.93 36.34
C7 NAG F . -24.94 -43.95 29.94
C8 NAG F . -24.84 -44.47 28.52
N2 NAG F . -25.54 -44.78 30.84
O3 NAG F . -23.71 -45.62 32.97
O4 NAG F . -25.11 -46.75 35.28
O5 NAG F . -27.42 -44.17 34.05
O6 NAG F . -28.43 -44.40 36.59
O7 NAG F . -24.50 -42.85 30.23
C1 FUC F . -28.62 -46.24 28.86
C2 FUC F . -29.15 -47.15 30.06
C3 FUC F . -30.50 -47.79 29.71
C4 FUC F . -30.34 -48.48 28.32
C5 FUC F . -29.84 -47.53 27.17
C6 FUC F . -29.72 -48.20 25.76
O2 FUC F . -29.26 -46.58 31.42
O3 FUC F . -30.88 -48.67 30.81
O5 FUC F . -28.55 -46.96 27.57
C1 NAG G . -44.62 -20.32 31.79
C2 NAG G . -43.55 -20.66 32.82
C3 NAG G . -43.87 -20.03 34.18
C4 NAG G . -44.22 -18.55 34.06
C5 NAG G . -45.15 -18.23 32.91
C6 NAG G . -45.19 -16.71 32.71
C7 NAG G . -42.32 -22.72 33.31
C8 NAG G . -42.41 -24.20 33.41
N2 NAG G . -43.42 -22.11 32.90
O3 NAG G . -42.76 -20.21 35.08
O4 NAG G . -44.88 -18.07 35.24
O5 NAG G . -44.74 -18.89 31.71
O6 NAG G . -45.58 -16.41 31.38
O7 NAG G . -41.29 -22.14 33.62
C1 NAG G . -44.07 -17.14 35.97
C2 NAG G . -44.95 -16.53 37.05
C3 NAG G . -44.12 -15.60 37.92
C4 NAG G . -42.99 -16.37 38.62
C5 NAG G . -42.19 -17.23 37.62
C6 NAG G . -41.59 -18.44 38.31
C7 NAG G . -47.32 -16.28 36.41
C8 NAG G . -48.35 -15.37 35.82
N2 NAG G . -46.07 -15.81 36.46
O3 NAG G . -45.02 -15.00 38.84
O4 NAG G . -42.05 -15.48 39.29
O5 NAG G . -42.91 -17.78 36.49
O6 NAG G . -40.69 -18.05 39.36
O7 NAG G . -47.63 -17.38 36.84
C1 BMA G . -42.36 -14.84 40.56
C2 BMA G . -43.47 -15.48 41.42
C3 BMA G . -43.74 -14.62 42.65
C4 BMA G . -42.45 -14.71 43.47
C5 BMA G . -41.37 -14.03 42.61
C6 BMA G . -40.09 -13.88 43.41
O2 BMA G . -43.05 -16.78 41.84
O3 BMA G . -44.93 -14.97 43.42
O4 BMA G . -42.63 -14.06 44.73
O5 BMA G . -41.17 -14.75 41.38
O6 BMA G . -39.03 -14.49 42.67
C1 MAN G . -45.87 -13.88 43.72
C2 MAN G . -47.07 -13.98 42.74
C3 MAN G . -47.38 -12.76 41.85
C4 MAN G . -46.99 -11.45 42.51
C5 MAN G . -45.51 -11.54 42.85
C6 MAN G . -44.92 -10.17 43.20
O2 MAN G . -48.24 -14.30 43.52
O3 MAN G . -48.77 -12.73 41.48
O4 MAN G . -47.24 -10.35 41.62
O5 MAN G . -45.33 -12.53 43.90
O6 MAN G . -43.73 -10.30 43.99
C1 MAN G . -37.86 -13.67 42.72
C2 MAN G . -36.78 -14.54 42.14
C3 MAN G . -36.52 -15.70 43.11
C4 MAN G . -36.11 -15.19 44.49
C5 MAN G . -37.12 -14.17 45.03
C6 MAN G . -36.56 -13.45 46.26
O2 MAN G . -35.61 -13.73 41.92
O3 MAN G . -35.52 -16.59 42.61
O4 MAN G . -35.99 -16.28 45.40
O5 MAN G . -37.47 -13.19 44.03
O6 MAN G . -37.05 -14.06 47.47
C1 NAG H . 36.41 45.49 -21.01
C2 NAG H . 35.88 45.38 -22.46
C3 NAG H . 35.27 46.74 -22.90
C4 NAG H . 34.23 47.27 -21.90
C5 NAG H . 34.88 47.41 -20.54
C6 NAG H . 33.84 47.89 -19.51
C7 NAG H . 36.78 44.10 -24.44
C8 NAG H . 37.99 43.87 -25.31
N2 NAG H . 36.92 44.98 -23.43
O3 NAG H . 34.66 46.64 -24.20
O4 NAG H . 33.68 48.53 -22.32
O5 NAG H . 35.47 46.17 -20.13
O6 NAG H . 34.29 47.65 -18.17
O7 NAG H . 35.74 43.49 -24.69
C ACT I . 2.22 6.23 -11.60
O ACT I . 2.22 5.52 -10.57
OXT ACT I . 3.22 6.91 -11.93
CH3 ACT I . 0.98 6.24 -12.45
S SO4 J . 11.87 15.19 -5.09
O1 SO4 J . 11.19 14.14 -5.90
O2 SO4 J . 13.08 15.60 -5.85
O3 SO4 J . 12.24 14.65 -3.73
O4 SO4 J . 10.97 16.38 -4.98
CA CA K . 50.14 24.42 -29.22
CL CL L . 17.96 12.12 -16.63
S SO4 M . -8.52 -14.62 8.63
O1 SO4 M . -8.08 -15.86 7.92
O2 SO4 M . -7.42 -14.03 9.44
O3 SO4 M . -9.69 -14.90 9.51
O4 SO4 M . -9.00 -13.65 7.62
CA CA N . -48.27 -22.29 32.47
CL CL O . -22.64 -12.78 8.13
#